data_7LMM
#
_entry.id   7LMM
#
_cell.length_a   70.696
_cell.length_b   80.281
_cell.length_c   130.424
_cell.angle_alpha   90.00
_cell.angle_beta   90.00
_cell.angle_gamma   90.00
#
_symmetry.space_group_name_H-M   'P 2 21 21'
#
loop_
_entity.id
_entity.type
_entity.pdbx_description
1 polymer 'DNA (cytosine-5)-methyltransferase 1,DNA (cytosine-5)-methyltransferase 1'
2 polymer 'Histone H4'
3 non-polymer 'ZINC ION'
4 water water
#
loop_
_entity_poly.entity_id
_entity_poly.type
_entity_poly.pdbx_seq_one_letter_code
_entity_poly.pdbx_strand_id
1 'polypeptide(L)'
;SKNRISWVGDAVKTDGKKSYYKKVCIDSETLEVGDCVSVIPDDSSKPLYLARVTALWEDSSNGQMFHAHWFCAGTDTVLG
ATSDPLELFLVDECEDMQLSYIHSKVQVIYKAPSGAGSATYFYQLWYDQDYARFESPPKTQPTEDNKYKFCASCARLA
;
A,B,C,D
2 'polypeptide(L)' GAKRHR(MLY)VLRDNY F,G,I,H
#
loop_
_chem_comp.id
_chem_comp.type
_chem_comp.name
_chem_comp.formula
ZN non-polymer 'ZINC ION' 'Zn 2'
#
# COMPACT_ATOMS: atom_id res chain seq x y z
N SER A 1 -32.09 -2.51 -4.77
CA SER A 1 -31.59 -3.88 -4.75
C SER A 1 -30.33 -4.02 -5.60
N LYS A 2 -29.26 -4.50 -4.97
CA LYS A 2 -27.93 -4.59 -5.56
C LYS A 2 -27.69 -6.00 -6.08
N ASN A 3 -27.71 -6.18 -7.41
CA ASN A 3 -27.51 -7.51 -7.96
C ASN A 3 -26.25 -7.63 -8.82
N ARG A 4 -25.93 -6.61 -9.62
CA ARG A 4 -24.68 -6.56 -10.35
C ARG A 4 -23.64 -5.82 -9.51
N ILE A 5 -22.61 -6.54 -9.05
CA ILE A 5 -21.61 -6.02 -8.11
C ILE A 5 -20.21 -6.29 -8.66
N SER A 6 -19.46 -5.24 -8.95
CA SER A 6 -18.12 -5.42 -9.49
C SER A 6 -17.15 -4.50 -8.76
N TRP A 7 -16.01 -5.06 -8.36
CA TRP A 7 -14.94 -4.26 -7.78
C TRP A 7 -14.40 -3.28 -8.82
N VAL A 8 -13.92 -2.14 -8.33
CA VAL A 8 -13.33 -1.11 -9.18
C VAL A 8 -11.93 -0.88 -8.67
N GLY A 9 -10.93 -1.11 -9.53
CA GLY A 9 -9.54 -1.04 -9.17
C GLY A 9 -9.02 -2.35 -8.62
N ASP A 10 -7.70 -2.47 -8.63
CA ASP A 10 -7.05 -3.60 -7.98
C ASP A 10 -7.12 -3.46 -6.46
N ALA A 11 -6.88 -4.56 -5.75
CA ALA A 11 -7.01 -4.58 -4.30
C ALA A 11 -5.95 -3.72 -3.62
N VAL A 12 -6.33 -3.11 -2.51
CA VAL A 12 -5.43 -2.18 -1.80
C VAL A 12 -4.72 -2.87 -0.63
N LYS A 13 -5.35 -3.84 0.04
CA LYS A 13 -4.62 -4.67 0.99
C LYS A 13 -5.19 -6.07 0.89
N THR A 14 -4.35 -7.05 1.22
CA THR A 14 -4.76 -8.44 1.26
C THR A 14 -4.35 -9.08 2.58
N ASP A 15 -5.33 -9.68 3.25
CA ASP A 15 -5.19 -10.51 4.44
C ASP A 15 -4.67 -11.90 4.15
N GLY A 16 -4.58 -12.31 2.89
CA GLY A 16 -4.53 -13.73 2.62
C GLY A 16 -5.82 -14.45 2.99
N LYS A 17 -6.82 -13.71 3.48
CA LYS A 17 -8.16 -14.25 3.65
C LYS A 17 -9.22 -13.23 3.22
N LYS A 18 -8.96 -11.94 3.44
CA LYS A 18 -9.77 -10.86 2.86
C LYS A 18 -8.93 -10.05 1.87
N SER A 19 -9.59 -9.49 0.86
CA SER A 19 -8.95 -8.61 -0.12
C SER A 19 -9.72 -7.29 -0.17
N TYR A 20 -9.11 -6.22 0.31
CA TYR A 20 -9.81 -4.95 0.46
C TYR A 20 -9.73 -4.11 -0.80
N TYR A 21 -10.76 -3.30 -1.02
CA TYR A 21 -10.85 -2.42 -2.18
C TYR A 21 -11.25 -1.03 -1.73
N LYS A 22 -11.03 -0.07 -2.60
CA LYS A 22 -11.42 1.30 -2.33
C LYS A 22 -12.74 1.67 -2.97
N LYS A 23 -13.10 1.00 -4.07
CA LYS A 23 -14.30 1.34 -4.84
C LYS A 23 -14.98 0.07 -5.35
N VAL A 24 -16.30 0.16 -5.47
CA VAL A 24 -17.11 -0.91 -6.02
C VAL A 24 -18.18 -0.29 -6.91
N CYS A 25 -18.46 -0.94 -8.03
CA CYS A 25 -19.57 -0.58 -8.87
C CYS A 25 -20.75 -1.49 -8.54
N ILE A 26 -21.93 -0.91 -8.34
CA ILE A 26 -23.15 -1.67 -8.12
C ILE A 26 -24.26 -1.09 -8.97
N ASP A 27 -24.83 -1.91 -9.86
CA ASP A 27 -25.74 -1.46 -10.91
C ASP A 27 -24.95 -0.43 -11.71
N SER A 28 -25.46 0.78 -11.93
CA SER A 28 -24.63 1.76 -12.62
C SER A 28 -23.78 2.60 -11.68
N GLU A 29 -24.15 2.65 -10.40
CA GLU A 29 -23.57 3.61 -9.46
C GLU A 29 -22.21 3.14 -8.98
N THR A 30 -21.33 4.10 -8.76
CA THR A 30 -19.99 3.81 -8.22
C THR A 30 -19.89 4.36 -6.80
N LEU A 31 -19.29 3.55 -5.93
CA LEU A 31 -19.33 3.79 -4.49
C LEU A 31 -17.95 3.55 -3.89
N GLU A 32 -17.46 4.52 -3.14
CA GLU A 32 -16.12 4.43 -2.55
C GLU A 32 -16.24 4.35 -1.03
N VAL A 33 -15.11 4.06 -0.39
CA VAL A 33 -15.07 4.10 1.07
C VAL A 33 -15.29 5.54 1.51
N GLY A 34 -16.14 5.72 2.52
CA GLY A 34 -16.50 7.04 2.99
C GLY A 34 -17.83 7.53 2.47
N ASP A 35 -18.26 7.01 1.33
CA ASP A 35 -19.61 7.26 0.88
C ASP A 35 -20.61 6.77 1.92
N CYS A 36 -21.83 7.28 1.84
CA CYS A 36 -22.88 6.79 2.69
C CYS A 36 -23.94 6.09 1.86
N VAL A 37 -24.76 5.32 2.57
CA VAL A 37 -25.51 4.24 1.97
C VAL A 37 -26.78 4.03 2.81
N SER A 38 -27.79 3.47 2.18
CA SER A 38 -29.09 3.26 2.79
C SER A 38 -29.40 1.78 2.82
N VAL A 39 -30.02 1.32 3.90
CA VAL A 39 -30.39 -0.09 4.05
C VAL A 39 -31.81 -0.17 4.59
N ILE A 40 -32.62 -1.02 3.96
CA ILE A 40 -34.00 -1.26 4.40
C ILE A 40 -33.94 -2.15 5.65
N PRO A 41 -34.71 -1.87 6.69
CA PRO A 41 -34.68 -2.73 7.88
C PRO A 41 -35.35 -4.08 7.65
N ASP A 42 -35.16 -4.96 8.64
CA ASP A 42 -35.90 -6.20 8.68
C ASP A 42 -37.41 -5.92 8.68
N ASP A 43 -37.83 -4.84 9.32
CA ASP A 43 -39.21 -4.38 9.27
C ASP A 43 -39.33 -3.31 8.19
N SER A 44 -39.76 -3.72 7.00
CA SER A 44 -39.93 -2.80 5.87
C SER A 44 -40.68 -1.53 6.27
N SER A 45 -41.59 -1.61 7.26
CA SER A 45 -42.36 -0.44 7.70
C SER A 45 -41.48 0.64 8.33
N LYS A 46 -40.41 0.26 9.02
CA LYS A 46 -39.61 1.21 9.75
C LYS A 46 -38.74 2.04 8.79
N PRO A 47 -38.37 3.27 9.18
CA PRO A 47 -37.57 4.11 8.30
C PRO A 47 -36.25 3.45 7.92
N LEU A 48 -35.62 3.95 6.85
CA LEU A 48 -34.39 3.39 6.33
C LEU A 48 -33.24 3.53 7.32
N TYR A 49 -32.35 2.54 7.32
CA TYR A 49 -31.08 2.62 8.04
C TYR A 49 -30.04 3.32 7.16
N LEU A 50 -29.26 4.21 7.76
CA LEU A 50 -28.25 4.95 7.03
C LEU A 50 -26.90 4.66 7.65
N ALA A 51 -25.87 4.61 6.80
CA ALA A 51 -24.55 4.24 7.26
C ALA A 51 -23.49 4.83 6.34
N ARG A 52 -22.30 5.00 6.91
CA ARG A 52 -21.10 5.25 6.15
C ARG A 52 -20.45 3.92 5.83
N VAL A 53 -19.95 3.80 4.60
CA VAL A 53 -19.20 2.63 4.15
C VAL A 53 -17.75 2.80 4.58
N THR A 54 -17.31 2.02 5.58
CA THR A 54 -15.97 2.20 6.08
C THR A 54 -14.93 1.25 5.51
N ALA A 55 -15.36 0.16 4.87
CA ALA A 55 -14.42 -0.74 4.21
C ALA A 55 -15.17 -1.62 3.22
N LEU A 56 -14.49 -2.02 2.14
CA LEU A 56 -15.03 -2.92 1.15
C LEU A 56 -14.02 -4.04 0.93
N TRP A 57 -14.49 -5.28 1.00
CA TRP A 57 -13.58 -6.39 0.80
C TRP A 57 -14.35 -7.58 0.25
N GLU A 58 -13.59 -8.49 -0.32
CA GLU A 58 -14.07 -9.79 -0.74
C GLU A 58 -13.53 -10.81 0.23
N ASP A 59 -14.42 -11.63 0.78
CA ASP A 59 -14.09 -12.63 1.78
C ASP A 59 -13.99 -13.99 1.11
N SER A 60 -12.93 -14.74 1.44
CA SER A 60 -12.88 -16.14 1.06
C SER A 60 -14.08 -16.89 1.61
N SER A 61 -14.51 -16.52 2.81
CA SER A 61 -15.62 -17.18 3.47
C SER A 61 -16.96 -16.80 2.84
N ASN A 62 -17.21 -15.49 2.70
CA ASN A 62 -18.56 -14.97 2.70
C ASN A 62 -18.97 -14.20 1.46
N GLY A 63 -18.04 -13.70 0.66
CA GLY A 63 -18.43 -13.02 -0.57
C GLY A 63 -18.04 -11.57 -0.61
N GLN A 64 -18.92 -10.71 -1.11
CA GLN A 64 -18.59 -9.31 -1.35
C GLN A 64 -19.24 -8.45 -0.26
N MET A 65 -18.42 -7.86 0.59
CA MET A 65 -18.83 -7.34 1.88
C MET A 65 -18.45 -5.87 2.05
N PHE A 66 -19.14 -5.21 2.99
CA PHE A 66 -18.70 -3.91 3.49
C PHE A 66 -18.97 -3.81 4.99
N HIS A 67 -18.36 -2.82 5.61
CA HIS A 67 -18.58 -2.52 7.02
C HIS A 67 -19.42 -1.25 7.11
N ALA A 68 -20.60 -1.37 7.68
CA ALA A 68 -21.50 -0.24 7.86
C ALA A 68 -21.25 0.40 9.21
N HIS A 69 -20.95 1.69 9.22
CA HIS A 69 -20.94 2.51 10.43
C HIS A 69 -22.26 3.27 10.46
N TRP A 70 -23.15 2.86 11.36
CA TRP A 70 -24.51 3.36 11.36
C TRP A 70 -24.59 4.81 11.83
N PHE A 71 -25.53 5.53 11.25
CA PHE A 71 -26.14 6.72 11.82
C PHE A 71 -27.42 6.30 12.53
N CYS A 72 -27.96 7.20 13.34
CA CYS A 72 -29.27 6.95 13.92
C CYS A 72 -30.00 8.28 13.95
N ALA A 73 -31.32 8.20 13.92
CA ALA A 73 -32.18 9.37 13.95
C ALA A 73 -32.63 9.66 15.37
N GLY A 74 -33.23 10.84 15.54
CA GLY A 74 -33.70 11.23 16.85
C GLY A 74 -34.50 10.15 17.55
N THR A 75 -35.38 9.46 16.82
CA THR A 75 -36.30 8.52 17.45
C THR A 75 -35.59 7.33 18.08
N ASP A 76 -34.32 7.10 17.75
CA ASP A 76 -33.51 6.11 18.44
C ASP A 76 -32.79 6.68 19.66
N THR A 77 -33.19 7.86 20.14
CA THR A 77 -32.48 8.51 21.23
C THR A 77 -33.45 8.92 22.33
N VAL A 78 -32.86 9.43 23.42
CA VAL A 78 -33.60 10.01 24.52
C VAL A 78 -34.53 11.12 24.05
N LEU A 79 -34.28 11.67 22.86
CA LEU A 79 -35.00 12.83 22.37
C LEU A 79 -36.37 12.51 21.81
N GLY A 80 -36.67 11.26 21.46
CA GLY A 80 -37.91 11.01 20.72
C GLY A 80 -37.74 11.45 19.28
N ALA A 81 -38.81 11.95 18.67
CA ALA A 81 -38.71 12.43 17.29
C ALA A 81 -37.75 13.61 17.17
N THR A 82 -37.59 14.21 15.99
CA THR A 82 -36.90 15.49 15.91
C THR A 82 -37.45 16.27 14.71
N SER A 83 -37.25 17.60 14.76
CA SER A 83 -37.93 18.52 13.85
C SER A 83 -37.69 18.21 12.38
N ASP A 84 -36.49 17.71 12.05
CA ASP A 84 -36.09 17.52 10.66
C ASP A 84 -35.92 16.04 10.38
N PRO A 85 -36.68 15.46 9.44
CA PRO A 85 -36.44 14.05 9.07
C PRO A 85 -35.04 13.81 8.57
N LEU A 86 -34.44 14.82 7.93
CA LEU A 86 -33.08 14.70 7.45
C LEU A 86 -32.04 14.73 8.58
N GLU A 87 -32.45 14.97 9.83
CA GLU A 87 -31.48 15.05 10.90
C GLU A 87 -30.96 13.66 11.27
N LEU A 88 -29.68 13.58 11.59
CA LEU A 88 -29.04 12.32 11.91
C LEU A 88 -28.05 12.53 13.04
N PHE A 89 -27.66 11.44 13.68
CA PHE A 89 -26.69 11.51 14.75
C PHE A 89 -25.65 10.42 14.56
N LEU A 90 -24.40 10.77 14.82
CA LEU A 90 -23.38 9.76 14.95
C LEU A 90 -23.68 8.88 16.16
N VAL A 91 -23.35 7.59 16.01
CA VAL A 91 -23.53 6.61 17.06
C VAL A 91 -22.53 5.51 16.79
N ASP A 92 -21.99 4.92 17.84
CA ASP A 92 -20.98 3.86 17.67
C ASP A 92 -21.68 2.50 17.57
N GLU A 93 -22.27 2.27 16.40
CA GLU A 93 -22.90 1.01 16.02
C GLU A 93 -22.37 0.58 14.66
N CYS A 94 -21.85 -0.65 14.56
CA CYS A 94 -21.28 -1.19 13.31
C CYS A 94 -21.79 -2.58 13.02
N GLU A 95 -21.33 -3.09 11.87
CA GLU A 95 -21.74 -4.36 11.30
C GLU A 95 -21.00 -4.64 10.01
N ASP A 96 -20.42 -5.83 9.86
CA ASP A 96 -20.12 -6.31 8.53
C ASP A 96 -21.43 -6.68 7.84
N MET A 97 -21.45 -6.56 6.51
CA MET A 97 -22.72 -6.69 5.82
C MET A 97 -22.49 -6.96 4.33
N GLN A 98 -23.34 -7.80 3.75
CA GLN A 98 -23.21 -8.09 2.32
C GLN A 98 -23.57 -6.86 1.50
N LEU A 99 -22.77 -6.54 0.48
CA LEU A 99 -23.06 -5.42 -0.40
C LEU A 99 -24.41 -5.53 -1.07
N SER A 100 -24.94 -6.74 -1.27
CA SER A 100 -26.23 -6.86 -1.92
C SER A 100 -27.37 -6.32 -1.06
N TYR A 101 -27.11 -6.04 0.22
CA TYR A 101 -28.13 -5.48 1.09
C TYR A 101 -28.28 -3.98 0.93
N ILE A 102 -27.44 -3.33 0.14
CA ILE A 102 -27.47 -1.88 0.03
C ILE A 102 -28.66 -1.46 -0.80
N HIS A 103 -29.55 -0.64 -0.22
CA HIS A 103 -30.68 -0.11 -0.98
C HIS A 103 -30.22 0.91 -2.01
N SER A 104 -29.61 2.01 -1.54
CA SER A 104 -29.24 3.12 -2.40
C SER A 104 -27.99 3.81 -1.85
N LYS A 105 -27.32 4.54 -2.73
CA LYS A 105 -26.35 5.53 -2.30
C LYS A 105 -27.09 6.77 -1.79
N VAL A 106 -26.59 7.38 -0.72
CA VAL A 106 -27.17 8.61 -0.19
C VAL A 106 -26.05 9.60 0.14
N GLN A 107 -26.45 10.85 0.32
CA GLN A 107 -25.56 11.97 0.65
C GLN A 107 -25.82 12.39 2.09
N VAL A 108 -24.78 12.34 2.92
CA VAL A 108 -24.83 12.80 4.31
C VAL A 108 -23.70 13.80 4.50
N ILE A 109 -24.04 15.01 4.94
CA ILE A 109 -23.05 16.06 5.18
C ILE A 109 -22.92 16.27 6.68
N TYR A 110 -21.84 16.93 7.08
CA TYR A 110 -21.66 17.45 8.42
C TYR A 110 -22.07 18.92 8.44
N LYS A 111 -22.74 19.33 9.51
CA LYS A 111 -23.23 20.72 9.61
C LYS A 111 -22.50 21.41 10.74
N ALA A 112 -21.53 22.24 10.38
CA ALA A 112 -20.70 22.85 11.40
C ALA A 112 -21.53 23.83 12.24
N PRO A 113 -21.08 24.11 13.45
CA PRO A 113 -21.77 25.11 14.28
C PRO A 113 -21.87 26.45 13.58
N SER A 114 -23.06 27.04 13.67
CA SER A 114 -23.38 28.32 13.05
C SER A 114 -23.64 29.37 14.11
N GLY A 115 -23.61 30.64 13.69
CA GLY A 115 -23.99 31.75 14.54
C GLY A 115 -25.44 32.15 14.31
N ALA A 116 -25.90 33.08 15.14
CA ALA A 116 -27.33 33.40 15.18
C ALA A 116 -27.82 33.97 13.85
N GLY A 117 -26.97 34.72 13.14
CA GLY A 117 -27.38 35.32 11.89
C GLY A 117 -28.25 36.56 12.09
N SER A 118 -28.66 37.13 10.95
CA SER A 118 -29.33 38.43 10.96
C SER A 118 -30.76 38.31 11.50
N ALA A 119 -31.00 38.94 12.65
CA ALA A 119 -32.31 38.91 13.30
C ALA A 119 -33.12 40.11 12.81
N THR A 120 -33.70 39.95 11.62
CA THR A 120 -34.59 40.95 11.07
C THR A 120 -35.94 40.32 10.76
N TYR A 121 -36.98 41.12 10.88
CA TYR A 121 -38.31 40.68 10.53
C TYR A 121 -38.42 40.46 9.02
N PHE A 122 -39.37 39.60 8.65
CA PHE A 122 -39.63 39.31 7.26
C PHE A 122 -41.11 39.09 7.07
N TYR A 123 -41.57 39.33 5.86
CA TYR A 123 -42.94 39.03 5.50
C TYR A 123 -42.94 38.30 4.16
N GLN A 124 -43.99 37.55 3.92
CA GLN A 124 -44.14 36.80 2.68
C GLN A 124 -45.53 36.93 2.05
N LEU A 125 -46.58 37.12 2.85
CA LEU A 125 -47.96 37.09 2.41
C LEU A 125 -48.72 38.27 2.99
N TRP A 126 -49.83 38.55 2.34
CA TRP A 126 -50.79 39.56 2.77
C TRP A 126 -51.98 38.89 3.45
N TYR A 127 -52.49 39.49 4.51
CA TYR A 127 -53.62 38.95 5.28
C TYR A 127 -54.83 39.83 5.10
N ASP A 128 -55.87 39.31 4.45
CA ASP A 128 -57.14 40.00 4.30
C ASP A 128 -57.92 39.81 5.59
N GLN A 129 -57.89 40.83 6.46
CA GLN A 129 -58.49 40.68 7.78
C GLN A 129 -60.02 40.65 7.74
N ASP A 130 -60.63 41.08 6.63
CA ASP A 130 -62.08 40.99 6.49
C ASP A 130 -62.52 39.57 6.20
N TYR A 131 -61.80 38.87 5.32
CA TYR A 131 -62.18 37.54 4.87
C TYR A 131 -61.27 36.45 5.41
N ALA A 132 -60.28 36.80 6.22
CA ALA A 132 -59.49 35.82 6.97
C ALA A 132 -58.68 34.91 6.06
N ARG A 133 -57.95 35.53 5.16
CA ARG A 133 -57.20 34.88 4.11
C ARG A 133 -55.78 35.34 3.93
N PHE A 134 -54.95 34.50 3.36
CA PHE A 134 -53.60 34.86 3.03
C PHE A 134 -53.47 34.83 1.52
N GLU A 135 -53.01 35.94 0.94
CA GLU A 135 -52.75 36.02 -0.48
C GLU A 135 -51.29 36.38 -0.69
N SER A 136 -50.88 36.33 -1.95
CA SER A 136 -49.60 36.90 -2.32
C SER A 136 -49.70 38.43 -2.29
N PRO A 137 -48.63 39.12 -1.91
CA PRO A 137 -48.71 40.59 -1.66
C PRO A 137 -49.33 41.34 -2.82
N PRO A 138 -50.39 42.12 -2.57
CA PRO A 138 -50.97 42.97 -3.62
C PRO A 138 -49.95 43.90 -4.24
N LYS A 139 -50.08 44.09 -5.55
CA LYS A 139 -49.10 44.85 -6.32
C LYS A 139 -49.67 46.19 -6.78
N THR A 140 -50.24 46.95 -5.85
CA THR A 140 -50.83 48.25 -6.14
C THR A 140 -49.74 49.30 -6.26
N GLN A 141 -49.64 49.96 -7.48
CA GLN A 141 -48.53 50.85 -7.81
C GLN A 141 -48.87 52.30 -7.53
N PRO A 142 -47.90 53.10 -7.11
CA PRO A 142 -48.12 54.54 -6.94
C PRO A 142 -47.92 55.30 -8.23
N THR A 143 -48.58 56.46 -8.32
CA THR A 143 -48.32 57.41 -9.39
C THR A 143 -46.96 58.10 -9.13
N GLU A 144 -46.56 58.98 -10.03
CA GLU A 144 -45.50 59.92 -9.67
C GLU A 144 -46.07 61.18 -9.05
N ASP A 145 -47.40 61.29 -8.98
CA ASP A 145 -48.05 62.39 -8.29
C ASP A 145 -48.08 62.18 -6.78
N ASN A 146 -48.22 60.93 -6.31
CA ASN A 146 -48.37 60.66 -4.89
C ASN A 146 -47.27 59.74 -4.35
N LYS A 147 -46.15 59.59 -5.08
CA LYS A 147 -45.08 58.70 -4.64
C LYS A 147 -44.51 59.11 -3.28
N TYR A 148 -44.51 60.39 -3.00
CA TYR A 148 -43.77 60.83 -1.86
C TYR A 148 -44.49 60.52 -0.54
N LYS A 149 -45.81 60.23 -0.58
CA LYS A 149 -46.61 59.86 0.60
C LYS A 149 -47.45 58.61 0.36
N PHE A 150 -47.10 57.77 -0.61
CA PHE A 150 -47.95 56.63 -0.97
C PHE A 150 -48.07 55.61 0.16
N CYS A 151 -49.30 55.21 0.45
CA CYS A 151 -49.61 54.10 1.35
C CYS A 151 -50.47 53.10 0.58
N ALA A 152 -49.97 51.88 0.38
CA ALA A 152 -50.70 50.93 -0.45
C ALA A 152 -52.06 50.56 0.15
N SER A 153 -52.19 50.64 1.48
CA SER A 153 -53.42 50.20 2.13
C SER A 153 -54.46 51.31 2.12
N CYS A 154 -54.02 52.57 2.20
CA CYS A 154 -54.90 53.68 1.86
C CYS A 154 -55.42 53.55 0.44
N ALA A 155 -54.55 53.16 -0.49
CA ALA A 155 -54.93 53.10 -1.89
C ALA A 155 -56.02 52.07 -2.13
N ARG A 156 -55.91 50.90 -1.50
CA ARG A 156 -56.91 49.84 -1.68
C ARG A 156 -58.15 50.10 -0.86
N LEU A 157 -58.00 50.63 0.36
CA LEU A 157 -59.15 50.87 1.23
C LEU A 157 -59.94 52.09 0.82
N ALA A 158 -59.60 52.73 -0.29
CA ALA A 158 -60.42 53.82 -0.84
C ALA A 158 -61.25 53.26 -1.98
N LYS B 2 10.57 -15.78 35.87
CA LYS B 2 11.41 -16.90 35.44
C LYS B 2 12.90 -16.57 35.55
N ASN B 3 13.39 -16.48 36.79
CA ASN B 3 14.80 -16.22 37.07
C ASN B 3 15.35 -15.05 36.27
N ARG B 4 16.54 -15.21 35.69
CA ARG B 4 17.28 -14.12 35.05
C ARG B 4 17.11 -14.17 33.54
N ILE B 5 16.72 -13.04 32.96
CA ILE B 5 16.52 -12.89 31.52
C ILE B 5 17.46 -11.79 31.02
N SER B 6 18.17 -12.07 29.94
CA SER B 6 19.14 -11.14 29.36
C SER B 6 18.90 -11.02 27.85
N TRP B 7 18.96 -9.79 27.34
CA TRP B 7 18.84 -9.57 25.92
C TRP B 7 20.11 -9.99 25.20
N VAL B 8 19.97 -10.28 23.91
CA VAL B 8 21.08 -10.69 23.05
C VAL B 8 21.14 -9.75 21.85
N GLY B 9 22.30 -9.18 21.61
CA GLY B 9 22.49 -8.31 20.47
C GLY B 9 21.98 -6.90 20.70
N ASP B 10 22.03 -6.13 19.62
CA ASP B 10 21.53 -4.77 19.63
C ASP B 10 20.03 -4.76 19.33
N ALA B 11 19.39 -3.66 19.67
CA ALA B 11 17.98 -3.49 19.34
C ALA B 11 17.82 -3.38 17.83
N VAL B 12 16.88 -4.16 17.28
CA VAL B 12 16.64 -4.10 15.84
C VAL B 12 15.96 -2.79 15.46
N LYS B 13 14.97 -2.38 16.25
CA LYS B 13 14.36 -1.07 16.06
C LYS B 13 13.85 -0.57 17.41
N THR B 14 13.79 0.76 17.53
CA THR B 14 13.27 1.44 18.72
C THR B 14 12.06 2.27 18.28
N ASP B 15 10.90 2.01 18.87
CA ASP B 15 9.67 2.71 18.53
C ASP B 15 8.99 3.18 19.81
N GLY B 16 9.11 4.47 20.11
CA GLY B 16 8.47 5.02 21.29
C GLY B 16 8.98 4.35 22.54
N LYS B 17 8.06 3.79 23.32
CA LYS B 17 8.42 3.14 24.58
C LYS B 17 9.09 1.79 24.38
N LYS B 18 8.89 1.15 23.23
CA LYS B 18 9.35 -0.21 23.01
C LYS B 18 10.64 -0.24 22.19
N SER B 19 11.60 -1.07 22.63
CA SER B 19 12.83 -1.35 21.88
C SER B 19 12.86 -2.84 21.55
N TYR B 20 12.85 -3.17 20.25
CA TYR B 20 12.67 -4.55 19.82
C TYR B 20 13.98 -5.27 19.62
N TYR B 21 13.98 -6.56 19.93
CA TYR B 21 15.17 -7.40 19.83
C TYR B 21 14.86 -8.64 19.01
N LYS B 22 15.92 -9.35 18.66
CA LYS B 22 15.83 -10.56 17.86
C LYS B 22 15.95 -11.84 18.70
N LYS B 23 16.84 -11.86 19.70
CA LYS B 23 17.08 -13.04 20.52
C LYS B 23 17.01 -12.68 22.01
N VAL B 24 16.68 -13.68 22.82
CA VAL B 24 16.65 -13.53 24.27
C VAL B 24 17.21 -14.80 24.91
N CYS B 25 17.86 -14.64 26.07
CA CYS B 25 18.33 -15.75 26.88
C CYS B 25 17.52 -15.78 28.18
N ILE B 26 16.81 -16.88 28.41
CA ILE B 26 16.01 -17.07 29.62
C ILE B 26 16.57 -18.29 30.34
N ASP B 27 17.27 -18.05 31.45
CA ASP B 27 17.97 -19.10 32.21
C ASP B 27 19.01 -19.70 31.25
N SER B 28 19.11 -21.02 31.13
CA SER B 28 20.08 -21.69 30.27
C SER B 28 19.53 -21.95 28.87
N GLU B 29 18.50 -21.22 28.45
CA GLU B 29 17.87 -21.41 27.15
C GLU B 29 17.91 -20.11 26.36
N THR B 30 18.01 -20.23 25.05
CA THR B 30 18.07 -19.07 24.16
C THR B 30 16.93 -19.16 23.16
N LEU B 31 16.35 -18.01 22.82
CA LEU B 31 15.05 -17.96 22.19
C LEU B 31 15.00 -16.81 21.18
N GLU B 32 14.49 -17.10 19.99
CA GLU B 32 14.54 -16.20 18.86
C GLU B 32 13.15 -15.96 18.32
N VAL B 33 12.94 -14.81 17.66
CA VAL B 33 11.67 -14.58 17.00
C VAL B 33 11.45 -15.68 15.99
N GLY B 34 10.25 -16.25 16.00
CA GLY B 34 9.98 -17.46 15.25
C GLY B 34 9.84 -18.69 16.14
N ASP B 35 10.66 -18.76 17.19
CA ASP B 35 10.68 -19.93 18.07
C ASP B 35 9.35 -20.05 18.82
N CYS B 36 9.11 -21.24 19.37
CA CYS B 36 7.84 -21.58 19.97
C CYS B 36 8.01 -21.84 21.45
N VAL B 37 6.91 -21.66 22.18
CA VAL B 37 6.97 -21.42 23.62
C VAL B 37 5.75 -22.06 24.27
N SER B 38 5.94 -22.58 25.48
CA SER B 38 4.80 -23.07 26.25
C SER B 38 4.54 -22.16 27.45
N VAL B 39 3.25 -22.03 27.79
CA VAL B 39 2.81 -21.20 28.91
C VAL B 39 1.90 -22.03 29.79
N ILE B 40 2.15 -22.01 31.10
CA ILE B 40 1.21 -22.60 32.07
C ILE B 40 -0.08 -21.78 32.05
N PRO B 41 -1.25 -22.39 31.95
CA PRO B 41 -2.48 -21.62 32.04
C PRO B 41 -2.76 -21.22 33.48
N ASP B 42 -3.59 -20.17 33.63
CA ASP B 42 -4.02 -19.73 34.95
C ASP B 42 -4.40 -20.90 35.84
N ASP B 43 -5.07 -21.89 35.27
CA ASP B 43 -5.43 -23.12 35.96
C ASP B 43 -4.39 -24.18 35.62
N SER B 44 -3.46 -24.41 36.54
CA SER B 44 -2.37 -25.35 36.31
C SER B 44 -2.85 -26.77 36.01
N SER B 45 -4.09 -27.12 36.37
CA SER B 45 -4.56 -28.48 36.10
C SER B 45 -4.71 -28.72 34.59
N LYS B 46 -5.02 -27.69 33.82
CA LYS B 46 -5.30 -27.83 32.40
C LYS B 46 -4.02 -27.86 31.57
N PRO B 47 -4.06 -28.48 30.39
CA PRO B 47 -2.82 -28.66 29.61
C PRO B 47 -2.14 -27.35 29.22
N LEU B 48 -0.83 -27.45 28.93
CA LEU B 48 -0.05 -26.29 28.53
C LEU B 48 -0.62 -25.62 27.28
N TYR B 49 -0.41 -24.31 27.20
CA TYR B 49 -0.65 -23.54 26.00
C TYR B 49 0.63 -23.52 25.16
N LEU B 50 0.48 -23.27 23.86
CA LEU B 50 1.63 -23.21 22.98
C LEU B 50 1.49 -22.01 22.05
N ALA B 51 2.56 -21.26 21.87
CA ALA B 51 2.48 -20.07 21.05
C ALA B 51 3.79 -19.88 20.30
N ARG B 52 3.72 -19.08 19.24
CA ARG B 52 4.90 -18.69 18.48
C ARG B 52 5.31 -17.28 18.89
N VAL B 53 6.58 -17.10 19.24
CA VAL B 53 7.07 -15.79 19.66
C VAL B 53 7.23 -14.95 18.40
N THR B 54 6.34 -13.99 18.22
CA THR B 54 6.35 -13.23 16.98
C THR B 54 7.14 -11.95 17.07
N ALA B 55 7.48 -11.52 18.28
CA ALA B 55 8.25 -10.30 18.51
C ALA B 55 8.79 -10.34 19.93
N LEU B 56 9.92 -9.66 20.13
CA LEU B 56 10.58 -9.49 21.41
C LEU B 56 10.86 -8.01 21.60
N TRP B 57 10.61 -7.47 22.79
CA TRP B 57 10.94 -6.08 23.02
C TRP B 57 10.94 -5.79 24.51
N GLU B 58 11.67 -4.73 24.88
CA GLU B 58 11.62 -4.18 26.22
C GLU B 58 10.80 -2.89 26.19
N ASP B 59 9.86 -2.79 27.11
CA ASP B 59 9.00 -1.61 27.27
C ASP B 59 9.54 -0.74 28.41
N SER B 60 9.58 0.57 28.19
CA SER B 60 10.09 1.47 29.22
C SER B 60 9.18 1.55 30.44
N SER B 61 7.96 1.03 30.35
CA SER B 61 7.03 0.99 31.47
C SER B 61 6.81 -0.41 32.01
N ASN B 62 6.50 -1.39 31.15
CA ASN B 62 6.11 -2.73 31.58
C ASN B 62 7.24 -3.76 31.50
N GLY B 63 8.40 -3.39 30.96
CA GLY B 63 9.55 -4.28 31.06
C GLY B 63 9.85 -5.12 29.84
N GLN B 64 10.28 -6.37 30.06
CA GLN B 64 10.66 -7.29 28.99
C GLN B 64 9.46 -8.14 28.59
N MET B 65 8.98 -7.93 27.37
CA MET B 65 7.75 -8.52 26.87
C MET B 65 8.03 -9.31 25.61
N PHE B 66 7.04 -10.12 25.24
CA PHE B 66 6.96 -10.69 23.90
C PHE B 66 5.50 -10.76 23.49
N HIS B 67 5.29 -11.02 22.21
CA HIS B 67 3.96 -11.24 21.66
C HIS B 67 3.79 -12.72 21.39
N ALA B 68 2.71 -13.30 21.90
CA ALA B 68 2.41 -14.72 21.75
C ALA B 68 1.31 -14.88 20.72
N HIS B 69 1.57 -15.69 19.69
CA HIS B 69 0.57 -16.05 18.69
C HIS B 69 0.18 -17.50 18.98
N TRP B 70 -0.95 -17.68 19.66
CA TRP B 70 -1.33 -18.97 20.19
C TRP B 70 -1.61 -19.99 19.11
N PHE B 71 -1.15 -21.22 19.33
CA PHE B 71 -1.79 -22.37 18.71
C PHE B 71 -2.97 -22.78 19.58
N CYS B 72 -3.81 -23.65 19.06
CA CYS B 72 -4.80 -24.28 19.91
C CYS B 72 -4.81 -25.78 19.64
N ALA B 73 -5.44 -26.51 20.53
CA ALA B 73 -5.58 -27.94 20.39
C ALA B 73 -7.00 -28.27 19.92
N GLY B 74 -7.19 -29.53 19.52
CA GLY B 74 -8.49 -29.95 19.05
C GLY B 74 -9.59 -29.73 20.06
N THR B 75 -9.29 -29.88 21.35
CA THR B 75 -10.30 -29.66 22.39
C THR B 75 -10.79 -28.22 22.44
N ASP B 76 -10.04 -27.28 21.88
CA ASP B 76 -10.49 -25.89 21.79
C ASP B 76 -11.34 -25.64 20.55
N THR B 77 -11.60 -26.65 19.74
CA THR B 77 -12.34 -26.54 18.50
C THR B 77 -13.58 -27.43 18.56
N VAL B 78 -14.32 -27.43 17.45
CA VAL B 78 -15.51 -28.26 17.32
C VAL B 78 -15.16 -29.71 17.01
N LEU B 79 -13.90 -29.99 16.66
CA LEU B 79 -13.49 -31.37 16.42
C LEU B 79 -13.31 -32.14 17.73
N GLY B 80 -12.71 -31.53 18.74
CA GLY B 80 -12.32 -32.24 19.93
C GLY B 80 -10.90 -32.78 19.83
N ALA B 81 -10.47 -33.47 20.88
CA ALA B 81 -9.12 -34.01 20.95
C ALA B 81 -8.75 -34.75 19.66
N THR B 82 -7.51 -34.55 19.22
CA THR B 82 -6.99 -35.21 18.01
C THR B 82 -6.49 -36.61 18.32
N SER B 83 -6.55 -37.47 17.29
CA SER B 83 -5.96 -38.80 17.40
C SER B 83 -4.47 -38.73 17.69
N ASP B 84 -3.78 -37.76 17.08
CA ASP B 84 -2.36 -37.56 17.31
C ASP B 84 -2.19 -36.53 18.42
N PRO B 85 -1.68 -36.91 19.61
CA PRO B 85 -1.58 -35.92 20.68
C PRO B 85 -0.73 -34.70 20.30
N LEU B 86 0.26 -34.88 19.45
CA LEU B 86 1.16 -33.79 19.05
C LEU B 86 0.55 -32.83 18.03
N GLU B 87 -0.69 -33.05 17.56
CA GLU B 87 -1.25 -32.20 16.52
C GLU B 87 -1.84 -30.93 17.11
N LEU B 88 -1.54 -29.80 16.50
CA LEU B 88 -2.12 -28.52 16.84
C LEU B 88 -2.72 -27.91 15.58
N PHE B 89 -3.39 -26.77 15.80
CA PHE B 89 -4.06 -26.00 14.75
C PHE B 89 -3.65 -24.55 14.90
N LEU B 90 -3.43 -23.89 13.77
CA LEU B 90 -3.30 -22.45 13.81
C LEU B 90 -4.64 -21.82 14.15
N VAL B 91 -4.59 -20.65 14.79
CA VAL B 91 -5.80 -19.94 15.16
C VAL B 91 -5.39 -18.47 15.39
N ASP B 92 -6.33 -17.56 15.13
CA ASP B 92 -6.06 -16.12 15.25
C ASP B 92 -6.40 -15.66 16.66
N GLU B 93 -5.55 -16.06 17.61
CA GLU B 93 -5.57 -15.56 18.98
C GLU B 93 -4.17 -15.12 19.39
N CYS B 94 -4.04 -13.88 19.89
CA CYS B 94 -2.75 -13.31 20.30
C CYS B 94 -2.88 -12.58 21.62
N GLU B 95 -1.71 -12.25 22.16
CA GLU B 95 -1.55 -11.61 23.46
C GLU B 95 -0.19 -10.95 23.51
N ASP B 96 -0.11 -9.74 24.05
CA ASP B 96 1.19 -9.30 24.56
C ASP B 96 1.43 -9.98 25.91
N MET B 97 2.69 -10.33 26.17
CA MET B 97 2.94 -11.11 27.38
C MET B 97 4.35 -10.86 27.92
N GLN B 98 4.46 -10.93 29.25
CA GLN B 98 5.73 -10.76 29.93
C GLN B 98 6.58 -12.02 29.79
N LEU B 99 7.85 -11.84 29.43
CA LEU B 99 8.72 -12.99 29.14
C LEU B 99 8.82 -13.97 30.29
N SER B 100 8.55 -13.54 31.52
CA SER B 100 8.73 -14.40 32.69
C SER B 100 7.66 -15.47 32.81
N TYR B 101 6.58 -15.37 32.05
CA TYR B 101 5.55 -16.41 32.05
C TYR B 101 5.88 -17.57 31.13
N ILE B 102 6.99 -17.52 30.41
CA ILE B 102 7.34 -18.59 29.49
C ILE B 102 7.78 -19.80 30.29
N HIS B 103 7.16 -20.95 30.02
CA HIS B 103 7.50 -22.15 30.76
C HIS B 103 8.69 -22.88 30.14
N SER B 104 8.65 -23.09 28.83
CA SER B 104 9.72 -23.80 28.15
C SER B 104 9.63 -23.56 26.66
N LYS B 105 10.76 -23.80 26.00
CA LYS B 105 10.84 -23.82 24.54
C LYS B 105 10.28 -25.14 24.01
N VAL B 106 9.66 -25.06 22.85
CA VAL B 106 8.98 -26.19 22.24
C VAL B 106 9.23 -26.13 20.73
N GLN B 107 9.24 -27.30 20.09
CA GLN B 107 9.48 -27.39 18.66
C GLN B 107 8.17 -27.73 17.96
N VAL B 108 7.78 -26.88 17.02
CA VAL B 108 6.54 -26.99 16.26
C VAL B 108 6.87 -26.80 14.79
N ILE B 109 6.41 -27.72 13.95
CA ILE B 109 6.70 -27.64 12.52
C ILE B 109 5.40 -27.76 11.74
N TYR B 110 5.48 -27.42 10.45
CA TYR B 110 4.37 -27.53 9.52
C TYR B 110 4.46 -28.85 8.78
N LYS B 111 3.37 -29.60 8.76
CA LYS B 111 3.32 -30.87 8.03
C LYS B 111 2.56 -30.59 6.74
N ALA B 112 3.31 -30.35 5.65
CA ALA B 112 2.73 -30.06 4.35
C ALA B 112 2.05 -31.30 3.78
N PRO B 113 0.93 -31.13 3.08
CA PRO B 113 0.21 -32.29 2.54
C PRO B 113 1.07 -33.02 1.53
N SER B 114 1.10 -34.34 1.64
CA SER B 114 1.84 -35.16 0.68
C SER B 114 0.85 -35.75 -0.32
N GLY B 115 1.28 -35.80 -1.58
CA GLY B 115 0.54 -36.52 -2.59
C GLY B 115 0.73 -38.00 -2.41
N ALA B 116 0.15 -38.55 -1.34
CA ALA B 116 0.38 -39.95 -1.02
C ALA B 116 -0.50 -40.87 -1.86
N GLY B 117 -1.78 -40.54 -2.01
CA GLY B 117 -2.68 -41.40 -2.73
C GLY B 117 -3.21 -42.56 -1.91
N SER B 118 -2.39 -43.08 -1.01
CA SER B 118 -2.80 -44.11 -0.07
C SER B 118 -2.09 -43.86 1.25
N ALA B 119 -2.53 -44.55 2.30
CA ALA B 119 -1.81 -44.49 3.57
C ALA B 119 -0.39 -45.04 3.39
N THR B 120 0.54 -44.47 4.15
CA THR B 120 1.94 -44.84 4.07
C THR B 120 2.35 -45.52 5.38
N TYR B 121 2.66 -46.82 5.30
CA TYR B 121 3.17 -47.58 6.42
C TYR B 121 4.65 -47.27 6.63
N PHE B 122 5.12 -47.52 7.85
CA PHE B 122 6.50 -47.26 8.20
C PHE B 122 7.00 -48.31 9.18
N TYR B 123 8.31 -48.48 9.21
CA TYR B 123 8.96 -49.32 10.20
C TYR B 123 10.16 -48.57 10.75
N GLN B 124 10.49 -48.90 12.00
CA GLN B 124 11.66 -48.39 12.70
C GLN B 124 12.56 -49.49 13.20
N LEU B 125 11.98 -50.59 13.66
CA LEU B 125 12.67 -51.60 14.42
C LEU B 125 12.51 -52.96 13.76
N TRP B 126 13.51 -53.78 13.96
CA TRP B 126 13.52 -55.18 13.59
C TRP B 126 13.16 -55.99 14.82
N TYR B 127 12.40 -57.06 14.60
CA TYR B 127 11.94 -57.93 15.68
C TYR B 127 12.66 -59.26 15.57
N ASP B 128 13.47 -59.55 16.58
CA ASP B 128 14.17 -60.82 16.73
C ASP B 128 13.21 -61.79 17.39
N GLN B 129 12.55 -62.61 16.58
CA GLN B 129 11.48 -63.43 17.13
C GLN B 129 12.01 -64.58 17.96
N ASP B 130 13.28 -64.96 17.79
CA ASP B 130 13.85 -66.03 18.61
C ASP B 130 13.96 -65.59 20.06
N TYR B 131 14.35 -64.35 20.30
CA TYR B 131 14.56 -63.85 21.65
C TYR B 131 13.52 -62.84 22.10
N ALA B 132 12.52 -62.53 21.27
CA ALA B 132 11.45 -61.56 21.61
C ALA B 132 12.05 -60.18 21.97
N ARG B 133 12.88 -59.66 21.06
CA ARG B 133 13.73 -58.50 21.26
C ARG B 133 13.49 -57.60 20.04
N PHE B 134 13.37 -56.28 20.26
CA PHE B 134 13.38 -55.31 19.18
C PHE B 134 14.75 -54.67 19.12
N GLU B 135 15.30 -54.52 17.91
CA GLU B 135 16.60 -53.89 17.70
C GLU B 135 16.52 -52.94 16.52
N SER B 136 17.54 -52.10 16.35
CA SER B 136 17.68 -51.36 15.10
C SER B 136 17.88 -52.33 13.94
N PRO B 137 17.41 -51.97 12.75
CA PRO B 137 17.44 -52.89 11.62
C PRO B 137 18.86 -53.34 11.32
N PRO B 138 19.09 -54.63 11.20
CA PRO B 138 20.44 -55.13 10.92
C PRO B 138 20.91 -54.74 9.53
N LYS B 139 22.18 -54.35 9.44
CA LYS B 139 22.82 -53.95 8.18
C LYS B 139 23.29 -55.20 7.44
N THR B 140 22.38 -55.77 6.65
CA THR B 140 22.63 -56.94 5.83
C THR B 140 22.81 -56.50 4.38
N GLN B 141 24.06 -56.53 3.87
CA GLN B 141 24.09 -56.02 2.52
C GLN B 141 24.12 -57.14 1.48
N PRO B 142 23.63 -56.87 0.28
CA PRO B 142 23.73 -57.86 -0.80
C PRO B 142 25.06 -57.83 -1.53
N THR B 143 25.38 -58.95 -2.15
CA THR B 143 26.37 -59.01 -3.21
C THR B 143 25.87 -58.20 -4.40
N GLU B 144 26.72 -58.04 -5.42
CA GLU B 144 26.19 -57.66 -6.73
C GLU B 144 25.98 -58.87 -7.61
N ASP B 145 26.46 -60.03 -7.16
CA ASP B 145 25.99 -61.29 -7.72
C ASP B 145 24.55 -61.57 -7.32
N ASN B 146 24.16 -61.26 -6.08
CA ASN B 146 22.84 -61.65 -5.60
C ASN B 146 21.86 -60.48 -5.55
N LYS B 147 22.27 -59.27 -5.98
CA LYS B 147 21.45 -58.08 -5.73
C LYS B 147 20.10 -58.14 -6.42
N TYR B 148 20.00 -58.84 -7.55
CA TYR B 148 18.73 -58.97 -8.28
C TYR B 148 17.70 -59.80 -7.52
N LYS B 149 18.05 -60.26 -6.36
CA LYS B 149 17.44 -61.43 -5.74
C LYS B 149 17.41 -61.33 -4.22
N PHE B 150 17.95 -60.28 -3.63
CA PHE B 150 18.40 -60.34 -2.26
C PHE B 150 17.24 -60.24 -1.29
N CYS B 151 17.16 -61.21 -0.38
CA CYS B 151 16.24 -61.17 0.75
C CYS B 151 17.07 -61.12 2.02
N ALA B 152 17.03 -59.98 2.72
CA ALA B 152 17.82 -59.83 3.94
C ALA B 152 17.44 -60.89 4.98
N SER B 153 16.22 -61.42 4.94
CA SER B 153 15.79 -62.46 5.87
C SER B 153 16.35 -63.83 5.46
N CYS B 154 16.25 -64.21 4.18
CA CYS B 154 16.92 -65.43 3.72
C CYS B 154 18.41 -65.43 4.06
N ALA B 155 19.05 -64.26 4.04
CA ALA B 155 20.47 -64.18 4.31
C ALA B 155 20.77 -64.45 5.78
N ARG B 156 20.01 -63.85 6.69
CA ARG B 156 20.26 -64.02 8.12
C ARG B 156 19.77 -65.34 8.68
N LEU B 157 18.89 -66.05 7.96
CA LEU B 157 18.37 -67.34 8.40
C LEU B 157 19.21 -68.51 7.90
N ALA B 158 19.94 -68.32 6.82
CA ALA B 158 20.69 -69.39 6.16
C ALA B 158 21.71 -70.01 7.09
N LYS C 2 -15.22 5.43 -27.68
CA LYS C 2 -13.96 5.75 -28.33
C LYS C 2 -14.15 6.75 -29.49
N ASN C 3 -13.05 7.31 -29.96
CA ASN C 3 -12.99 8.16 -31.14
C ASN C 3 -11.52 8.44 -31.42
N ARG C 4 -11.22 8.81 -32.66
CA ARG C 4 -9.87 8.59 -33.16
C ARG C 4 -8.85 9.55 -32.55
N ILE C 5 -7.64 9.03 -32.35
CA ILE C 5 -6.54 9.69 -31.67
C ILE C 5 -5.33 9.63 -32.60
N SER C 6 -4.78 10.79 -32.97
CA SER C 6 -3.72 10.86 -33.95
C SER C 6 -2.53 11.66 -33.42
N TRP C 7 -1.34 11.09 -33.57
CA TRP C 7 -0.12 11.82 -33.24
C TRP C 7 0.17 12.88 -34.30
N VAL C 8 0.82 13.96 -33.86
CA VAL C 8 1.19 15.05 -34.74
C VAL C 8 2.69 15.30 -34.59
N GLY C 9 3.39 15.44 -35.71
CA GLY C 9 4.83 15.54 -35.70
C GLY C 9 5.49 14.20 -35.44
N ASP C 10 6.82 14.20 -35.54
CA ASP C 10 7.58 12.98 -35.37
C ASP C 10 7.94 12.78 -33.90
N ALA C 11 8.38 11.57 -33.58
CA ALA C 11 8.76 11.23 -32.21
C ALA C 11 9.98 12.05 -31.78
N VAL C 12 9.91 12.65 -30.60
CA VAL C 12 11.01 13.47 -30.12
C VAL C 12 12.05 12.66 -29.36
N LYS C 13 11.65 11.59 -28.67
CA LYS C 13 12.61 10.79 -27.93
C LYS C 13 12.12 9.35 -27.89
N THR C 14 13.08 8.42 -27.91
CA THR C 14 12.79 6.99 -27.82
C THR C 14 13.49 6.43 -26.59
N ASP C 15 12.71 5.90 -25.67
CA ASP C 15 13.22 5.25 -24.47
C ASP C 15 12.55 3.88 -24.35
N GLY C 16 13.34 2.82 -24.53
CA GLY C 16 12.86 1.46 -24.38
C GLY C 16 11.60 1.16 -25.16
N LYS C 17 10.50 0.91 -24.45
CA LYS C 17 9.25 0.56 -25.10
C LYS C 17 8.57 1.77 -25.73
N LYS C 18 8.56 2.92 -25.05
CA LYS C 18 7.68 4.02 -25.40
C LYS C 18 8.37 5.06 -26.27
N SER C 19 7.55 5.78 -27.04
CA SER C 19 8.00 6.81 -27.99
C SER C 19 7.24 8.09 -27.71
N TYR C 20 7.97 9.16 -27.42
CA TYR C 20 7.37 10.39 -26.94
C TYR C 20 7.01 11.34 -28.07
N TYR C 21 5.90 12.07 -27.87
CA TYR C 21 5.38 13.01 -28.84
C TYR C 21 5.21 14.37 -28.18
N LYS C 22 5.12 15.41 -28.99
CA LYS C 22 4.88 16.74 -28.45
C LYS C 22 3.43 17.13 -28.54
N LYS C 23 2.71 16.68 -29.55
CA LYS C 23 1.33 17.05 -29.77
C LYS C 23 0.56 15.86 -30.30
N VAL C 24 -0.72 15.81 -29.97
CA VAL C 24 -1.64 14.78 -30.42
C VAL C 24 -2.94 15.47 -30.80
N CYS C 25 -3.71 14.85 -31.69
CA CYS C 25 -5.05 15.32 -32.02
C CYS C 25 -6.07 14.34 -31.44
N ILE C 26 -6.96 14.84 -30.58
CA ILE C 26 -7.95 14.05 -29.85
C ILE C 26 -9.32 14.51 -30.32
N ASP C 27 -9.92 13.77 -31.25
CA ASP C 27 -11.24 14.09 -31.82
C ASP C 27 -11.13 15.41 -32.55
N SER C 28 -11.90 16.44 -32.18
CA SER C 28 -11.90 17.74 -32.82
C SER C 28 -11.05 18.76 -32.05
N GLU C 29 -10.07 18.30 -31.28
CA GLU C 29 -9.22 19.15 -30.46
C GLU C 29 -7.77 18.77 -30.68
N THR C 30 -6.87 19.71 -30.41
CA THR C 30 -5.44 19.44 -30.45
C THR C 30 -4.82 19.71 -29.08
N LEU C 31 -3.86 18.89 -28.70
CA LEU C 31 -3.32 18.86 -27.34
C LEU C 31 -1.81 18.75 -27.38
N GLU C 32 -1.13 19.49 -26.50
CA GLU C 32 0.33 19.47 -26.40
C GLU C 32 0.76 19.51 -24.93
N VAL C 33 2.05 19.23 -24.71
CA VAL C 33 2.60 19.20 -23.36
C VAL C 33 2.56 20.61 -22.76
N GLY C 34 2.03 20.71 -21.54
CA GLY C 34 1.71 21.96 -20.93
C GLY C 34 0.23 22.27 -20.94
N ASP C 35 -0.51 21.75 -21.91
CA ASP C 35 -1.95 21.98 -21.92
C ASP C 35 -2.59 21.29 -20.74
N CYS C 36 -3.86 21.59 -20.54
CA CYS C 36 -4.57 21.07 -19.38
C CYS C 36 -5.81 20.31 -19.80
N VAL C 37 -6.19 19.33 -18.98
CA VAL C 37 -7.24 18.39 -19.35
C VAL C 37 -8.22 18.21 -18.19
N SER C 38 -9.36 17.62 -18.52
CA SER C 38 -10.32 17.17 -17.53
C SER C 38 -10.53 15.67 -17.71
N VAL C 39 -10.63 14.97 -16.58
CA VAL C 39 -10.92 13.55 -16.57
C VAL C 39 -12.14 13.32 -15.69
N ILE C 40 -13.05 12.47 -16.15
CA ILE C 40 -14.22 12.13 -15.35
C ILE C 40 -13.80 11.15 -14.27
N PRO C 41 -14.23 11.33 -13.03
CA PRO C 41 -13.85 10.38 -11.98
C PRO C 41 -14.55 9.03 -12.16
N ASP C 42 -14.04 8.05 -11.40
CA ASP C 42 -14.70 6.76 -11.35
C ASP C 42 -16.15 6.89 -10.92
N ASP C 43 -16.43 7.82 -10.01
CA ASP C 43 -17.80 8.20 -9.72
C ASP C 43 -18.13 9.41 -10.60
N SER C 44 -18.91 9.18 -11.65
CA SER C 44 -19.23 10.25 -12.59
C SER C 44 -20.06 11.36 -11.96
N SER C 45 -20.73 11.11 -10.84
CA SER C 45 -21.53 12.14 -10.20
C SER C 45 -20.66 13.22 -9.54
N LYS C 46 -19.40 12.92 -9.27
CA LYS C 46 -18.51 13.88 -8.62
C LYS C 46 -17.88 14.80 -9.65
N PRO C 47 -17.30 15.91 -9.23
CA PRO C 47 -16.80 16.90 -10.20
C PRO C 47 -15.57 16.43 -10.94
N LEU C 48 -15.29 17.11 -12.05
CA LEU C 48 -14.21 16.68 -12.93
C LEU C 48 -12.86 16.86 -12.26
N TYR C 49 -11.97 15.90 -12.49
CA TYR C 49 -10.57 16.09 -12.17
C TYR C 49 -9.97 17.00 -13.22
N LEU C 50 -8.92 17.72 -12.86
CA LEU C 50 -8.21 18.53 -13.82
C LEU C 50 -6.73 18.30 -13.64
N ALA C 51 -6.01 18.33 -14.76
CA ALA C 51 -4.61 17.94 -14.78
C ALA C 51 -3.89 18.71 -15.86
N ARG C 52 -2.59 18.92 -15.62
CA ARG C 52 -1.68 19.33 -16.66
C ARG C 52 -1.07 18.09 -17.31
N VAL C 53 -0.89 18.13 -18.62
CA VAL C 53 -0.33 17.01 -19.39
C VAL C 53 1.19 17.19 -19.42
N THR C 54 1.90 16.43 -18.59
CA THR C 54 3.34 16.62 -18.51
C THR C 54 4.12 15.78 -19.51
N ALA C 55 3.51 14.79 -20.14
CA ALA C 55 4.21 13.90 -21.06
C ALA C 55 3.21 13.19 -21.97
N LEU C 56 3.65 12.92 -23.20
CA LEU C 56 2.86 12.22 -24.20
C LEU C 56 3.71 11.10 -24.79
N TRP C 57 3.17 9.89 -24.89
CA TRP C 57 3.96 8.81 -25.49
C TRP C 57 3.06 7.67 -25.93
N GLU C 58 3.58 6.86 -26.85
CA GLU C 58 2.95 5.63 -27.28
C GLU C 58 3.77 4.44 -26.77
N ASP C 59 3.11 3.60 -25.98
CA ASP C 59 3.74 2.41 -25.42
C ASP C 59 3.81 1.31 -26.46
N SER C 60 4.75 0.38 -26.24
CA SER C 60 4.83 -0.80 -27.10
C SER C 60 3.71 -1.79 -26.82
N SER C 61 3.14 -1.76 -25.62
CA SER C 61 2.03 -2.63 -25.24
C SER C 61 0.89 -1.93 -24.50
N ASN C 62 1.13 -0.80 -23.83
CA ASN C 62 0.07 -0.05 -23.17
C ASN C 62 -0.64 0.93 -24.09
N GLY C 63 -0.13 1.17 -25.29
CA GLY C 63 -0.83 2.00 -26.24
C GLY C 63 -0.52 3.47 -26.14
N GLN C 64 -1.53 4.32 -26.31
CA GLN C 64 -1.36 5.77 -26.37
C GLN C 64 -1.62 6.36 -25.00
N MET C 65 -0.56 6.87 -24.37
CA MET C 65 -0.59 7.27 -22.97
C MET C 65 -0.26 8.75 -22.82
N PHE C 66 -0.61 9.30 -21.66
CA PHE C 66 -0.04 10.56 -21.21
C PHE C 66 0.23 10.46 -19.71
N HIS C 67 0.80 11.51 -19.14
CA HIS C 67 1.06 11.57 -17.71
C HIS C 67 0.32 12.77 -17.15
N ALA C 68 -0.59 12.51 -16.21
CA ALA C 68 -1.42 13.55 -15.62
C ALA C 68 -0.77 14.06 -14.32
N HIS C 69 -0.60 15.38 -14.24
CA HIS C 69 -0.22 16.04 -12.99
C HIS C 69 -1.46 16.74 -12.47
N TRP C 70 -2.02 16.22 -11.38
CA TRP C 70 -3.33 16.62 -10.92
C TRP C 70 -3.28 17.96 -10.20
N PHE C 71 -4.28 18.79 -10.47
CA PHE C 71 -4.70 19.84 -9.57
C PHE C 71 -5.72 19.24 -8.62
N CYS C 72 -5.94 19.90 -7.49
CA CYS C 72 -7.07 19.56 -6.65
C CYS C 72 -7.83 20.83 -6.29
N ALA C 73 -9.13 20.65 -6.05
CA ALA C 73 -9.98 21.72 -5.57
C ALA C 73 -9.93 21.80 -4.04
N GLY C 74 -10.48 22.87 -3.50
CA GLY C 74 -10.49 23.03 -2.07
C GLY C 74 -11.24 21.94 -1.34
N THR C 75 -12.17 21.25 -2.01
CA THR C 75 -12.87 20.17 -1.33
C THR C 75 -11.95 18.98 -1.06
N ASP C 76 -10.83 18.89 -1.77
CA ASP C 76 -9.80 17.91 -1.46
C ASP C 76 -8.82 18.37 -0.36
N THR C 77 -9.07 19.54 0.24
CA THR C 77 -8.16 20.10 1.25
C THR C 77 -8.92 20.45 2.51
N VAL C 78 -8.15 20.80 3.55
CA VAL C 78 -8.71 21.26 4.81
C VAL C 78 -9.54 22.53 4.65
N LEU C 79 -9.35 23.25 3.54
CA LEU C 79 -10.06 24.51 3.36
C LEU C 79 -11.55 24.31 3.09
N GLY C 80 -11.90 23.21 2.45
CA GLY C 80 -13.24 23.06 1.93
C GLY C 80 -13.40 23.74 0.60
N ALA C 81 -14.64 23.77 0.12
CA ALA C 81 -14.92 24.44 -1.14
C ALA C 81 -14.45 25.88 -1.06
N THR C 82 -13.93 26.39 -2.18
CA THR C 82 -13.48 27.77 -2.27
C THR C 82 -14.65 28.69 -2.60
N SER C 83 -14.45 29.98 -2.32
CA SER C 83 -15.42 30.99 -2.75
C SER C 83 -15.65 30.89 -4.25
N ASP C 84 -14.56 30.95 -5.02
CA ASP C 84 -14.63 30.79 -6.47
C ASP C 84 -14.58 29.30 -6.81
N PRO C 85 -15.63 28.73 -7.42
CA PRO C 85 -15.55 27.32 -7.83
C PRO C 85 -14.51 27.06 -8.89
N LEU C 86 -14.08 28.08 -9.63
CA LEU C 86 -13.06 27.91 -10.65
C LEU C 86 -11.64 27.96 -10.08
N GLU C 87 -11.49 27.95 -8.76
CA GLU C 87 -10.18 27.96 -8.16
C GLU C 87 -9.65 26.54 -8.05
N LEU C 88 -8.34 26.41 -8.13
CA LEU C 88 -7.64 25.15 -8.04
C LEU C 88 -6.39 25.36 -7.23
N PHE C 89 -5.81 24.26 -6.77
CA PHE C 89 -4.56 24.32 -6.05
C PHE C 89 -3.57 23.36 -6.71
N LEU C 90 -2.30 23.74 -6.72
CA LEU C 90 -1.30 22.78 -7.11
C LEU C 90 -1.22 21.70 -6.03
N VAL C 91 -0.92 20.48 -6.45
CA VAL C 91 -0.76 19.37 -5.54
C VAL C 91 0.21 18.39 -6.19
N ASP C 92 0.99 17.70 -5.37
CA ASP C 92 1.94 16.72 -5.89
C ASP C 92 1.28 15.34 -5.93
N GLU C 93 0.39 15.20 -6.92
CA GLU C 93 -0.25 13.93 -7.24
C GLU C 93 -0.14 13.66 -8.74
N CYS C 94 0.32 12.46 -9.11
CA CYS C 94 0.56 12.10 -10.51
C CYS C 94 -0.03 10.74 -10.81
N GLU C 95 0.08 10.40 -12.10
CA GLU C 95 -0.53 9.22 -12.66
C GLU C 95 -0.17 9.08 -14.13
N ASP C 96 0.23 7.89 -14.55
CA ASP C 96 0.20 7.54 -15.97
C ASP C 96 -1.24 7.22 -16.37
N MET C 97 -1.56 7.44 -17.63
CA MET C 97 -2.95 7.28 -18.03
C MET C 97 -3.06 7.17 -19.54
N GLN C 98 -4.07 6.43 -19.99
CA GLN C 98 -4.36 6.35 -21.42
C GLN C 98 -5.05 7.62 -21.90
N LEU C 99 -4.71 8.05 -23.11
CA LEU C 99 -5.28 9.29 -23.63
C LEU C 99 -6.79 9.22 -23.72
N SER C 100 -7.35 8.04 -24.02
CA SER C 100 -8.80 7.93 -24.19
C SER C 100 -9.56 8.34 -22.94
N TYR C 101 -8.91 8.34 -21.77
CA TYR C 101 -9.56 8.74 -20.54
C TYR C 101 -9.79 10.25 -20.43
N ILE C 102 -9.33 11.03 -21.41
CA ILE C 102 -9.44 12.48 -21.35
C ILE C 102 -10.84 12.90 -21.77
N HIS C 103 -11.49 13.73 -20.96
CA HIS C 103 -12.85 14.19 -21.25
C HIS C 103 -12.83 15.35 -22.25
N SER C 104 -12.19 16.47 -21.87
CA SER C 104 -12.04 17.63 -22.74
C SER C 104 -10.75 18.37 -22.38
N LYS C 105 -10.38 19.31 -23.25
CA LYS C 105 -9.24 20.18 -23.03
C LYS C 105 -9.70 21.41 -22.24
N VAL C 106 -8.86 21.87 -21.32
CA VAL C 106 -9.28 22.91 -20.38
C VAL C 106 -8.18 23.97 -20.26
N GLN C 107 -8.57 25.12 -19.71
CA GLN C 107 -7.70 26.29 -19.58
C GLN C 107 -7.46 26.59 -18.11
N VAL C 108 -6.19 26.54 -17.70
CA VAL C 108 -5.78 26.81 -16.33
C VAL C 108 -4.63 27.82 -16.34
N ILE C 109 -4.89 29.01 -15.82
CA ILE C 109 -3.88 30.06 -15.77
C ILE C 109 -3.44 30.27 -14.31
N TYR C 110 -2.24 30.83 -14.16
CA TYR C 110 -1.72 31.25 -12.86
C TYR C 110 -2.20 32.67 -12.54
N LYS C 111 -2.73 32.87 -11.33
CA LYS C 111 -3.21 34.18 -10.89
C LYS C 111 -2.16 34.79 -9.96
N ALA C 112 -1.30 35.61 -10.53
CA ALA C 112 -0.20 36.22 -9.79
C ALA C 112 -0.73 37.09 -8.63
N PRO C 113 0.03 37.20 -7.55
CA PRO C 113 -0.42 38.03 -6.41
C PRO C 113 -0.50 39.49 -6.78
N SER C 114 -1.53 40.16 -6.26
CA SER C 114 -1.73 41.59 -6.43
C SER C 114 -1.79 42.25 -5.06
N GLY C 115 -1.09 43.38 -4.92
CA GLY C 115 -1.05 44.07 -3.66
C GLY C 115 -1.87 45.33 -3.63
N ALA C 116 -2.85 45.41 -4.54
CA ALA C 116 -3.64 46.62 -4.73
C ALA C 116 -4.19 47.18 -3.43
N GLY C 117 -4.38 46.32 -2.42
CA GLY C 117 -5.10 46.72 -1.23
C GLY C 117 -6.56 46.98 -1.57
N SER C 118 -6.63 47.69 -2.65
CA SER C 118 -7.89 48.02 -3.14
C SER C 118 -8.41 47.21 -4.29
N ALA C 119 -9.03 46.08 -3.95
CA ALA C 119 -9.94 45.53 -4.94
C ALA C 119 -10.96 46.62 -5.23
N THR C 120 -11.10 46.97 -6.50
CA THR C 120 -11.76 48.23 -6.83
C THR C 120 -13.19 48.01 -7.30
N TYR C 121 -13.94 49.09 -7.23
CA TYR C 121 -15.27 49.13 -7.82
C TYR C 121 -15.16 49.03 -9.34
N PHE C 122 -16.17 48.44 -9.95
CA PHE C 122 -16.18 48.31 -11.40
C PHE C 122 -17.59 48.49 -11.92
N TYR C 123 -17.72 48.93 -13.17
CA TYR C 123 -19.03 49.07 -13.79
C TYR C 123 -19.00 48.56 -15.21
N GLN C 124 -20.09 47.93 -15.61
CA GLN C 124 -20.26 47.42 -16.97
C GLN C 124 -21.50 47.94 -17.69
N LEU C 125 -22.55 48.33 -16.96
CA LEU C 125 -23.83 48.66 -17.56
C LEU C 125 -24.36 49.98 -17.02
N TRP C 126 -25.29 50.55 -17.78
CA TRP C 126 -25.97 51.77 -17.41
C TRP C 126 -27.45 51.46 -17.13
N TYR C 127 -27.99 52.03 -16.07
CA TYR C 127 -29.36 51.74 -15.64
C TYR C 127 -30.26 52.91 -15.98
N ASP C 128 -31.30 52.63 -16.77
CA ASP C 128 -32.37 53.60 -17.06
C ASP C 128 -33.39 53.49 -15.93
N GLN C 129 -33.36 54.43 -14.99
CA GLN C 129 -34.30 54.38 -13.89
C GLN C 129 -35.71 54.78 -14.30
N ASP C 130 -35.88 55.41 -15.47
CA ASP C 130 -37.22 55.70 -15.96
C ASP C 130 -37.94 54.42 -16.38
N TYR C 131 -37.31 53.65 -17.27
CA TYR C 131 -37.86 52.42 -17.81
C TYR C 131 -37.43 51.17 -17.05
N ALA C 132 -36.51 51.30 -16.09
CA ALA C 132 -36.01 50.19 -15.28
C ALA C 132 -35.41 49.08 -16.14
N ARG C 133 -34.42 49.46 -16.96
CA ARG C 133 -33.74 48.49 -17.79
C ARG C 133 -32.26 48.81 -17.85
N PHE C 134 -31.47 47.79 -18.14
CA PHE C 134 -30.03 47.94 -18.25
C PHE C 134 -29.62 47.98 -19.72
N GLU C 135 -28.86 48.99 -20.10
CA GLU C 135 -28.34 49.12 -21.45
C GLU C 135 -26.83 49.18 -21.39
N SER C 136 -26.20 48.97 -22.54
CA SER C 136 -24.77 49.24 -22.68
C SER C 136 -24.52 50.75 -22.47
N PRO C 137 -23.34 51.13 -21.96
CA PRO C 137 -23.12 52.54 -21.57
C PRO C 137 -23.34 53.50 -22.73
N PRO C 138 -24.16 54.54 -22.52
CA PRO C 138 -24.47 55.49 -23.60
C PRO C 138 -23.30 56.42 -23.90
N LYS C 139 -22.94 56.49 -25.18
CA LYS C 139 -21.83 57.34 -25.63
C LYS C 139 -22.37 58.75 -25.86
N THR C 140 -22.14 59.65 -24.90
CA THR C 140 -22.47 61.06 -25.06
C THR C 140 -21.19 61.87 -24.92
N GLN C 141 -20.82 62.55 -25.98
CA GLN C 141 -19.55 63.24 -26.12
C GLN C 141 -19.64 64.67 -25.61
N PRO C 142 -18.53 65.18 -25.07
CA PRO C 142 -18.47 66.59 -24.68
C PRO C 142 -18.07 67.48 -25.84
N THR C 143 -18.57 68.71 -25.79
CA THR C 143 -17.94 69.82 -26.49
C THR C 143 -16.64 70.19 -25.78
N GLU C 144 -15.70 70.79 -26.52
CA GLU C 144 -14.58 71.41 -25.82
C GLU C 144 -14.92 72.83 -25.39
N ASP C 145 -16.10 73.29 -25.77
CA ASP C 145 -16.78 74.35 -25.05
C ASP C 145 -16.86 74.03 -23.55
N ASN C 146 -17.34 72.83 -23.21
CA ASN C 146 -17.65 72.48 -21.83
C ASN C 146 -16.85 71.28 -21.32
N LYS C 147 -15.68 70.98 -21.89
CA LYS C 147 -14.94 69.79 -21.47
C LYS C 147 -14.47 69.88 -20.01
N TYR C 148 -14.24 71.09 -19.50
CA TYR C 148 -13.74 71.31 -18.14
C TYR C 148 -14.80 71.02 -17.07
N LYS C 149 -15.96 70.54 -17.48
CA LYS C 149 -17.14 70.50 -16.64
C LYS C 149 -18.02 69.30 -16.92
N PHE C 150 -17.67 68.41 -17.84
CA PHE C 150 -18.65 67.63 -18.56
C PHE C 150 -19.25 66.58 -17.63
N CYS C 151 -20.57 66.61 -17.50
CA CYS C 151 -21.34 65.61 -16.79
C CYS C 151 -22.27 64.95 -17.80
N ALA C 152 -22.01 63.68 -18.11
CA ALA C 152 -22.80 62.97 -19.11
C ALA C 152 -24.28 62.95 -18.76
N SER C 153 -24.61 62.93 -17.46
CA SER C 153 -26.01 62.89 -17.09
C SER C 153 -26.72 64.20 -17.38
N CYS C 154 -26.12 65.35 -17.00
CA CYS C 154 -26.74 66.62 -17.35
C CYS C 154 -26.88 66.78 -18.85
N ALA C 155 -25.90 66.32 -19.63
CA ALA C 155 -26.03 66.32 -21.08
C ALA C 155 -27.26 65.54 -21.53
N ARG C 156 -27.46 64.35 -20.96
CA ARG C 156 -28.60 63.52 -21.36
C ARG C 156 -29.89 63.93 -20.66
N LEU C 157 -29.81 64.64 -19.53
CA LEU C 157 -31.01 65.00 -18.79
C LEU C 157 -31.62 66.31 -19.24
N ALA C 158 -30.82 67.22 -19.82
CA ALA C 158 -31.30 68.54 -20.22
C ALA C 158 -32.20 68.47 -21.45
N LYS D 2 35.52 4.23 7.46
CA LYS D 2 36.74 3.60 7.95
C LYS D 2 37.77 4.67 8.38
N ASN D 3 39.06 4.31 8.35
CA ASN D 3 40.08 5.12 9.02
C ASN D 3 40.17 6.53 8.43
N ARG D 4 40.47 6.63 7.13
CA ARG D 4 40.65 7.92 6.48
C ARG D 4 39.89 7.92 5.16
N ILE D 5 38.96 8.87 5.00
CA ILE D 5 38.25 9.05 3.74
C ILE D 5 38.78 10.32 3.10
N SER D 6 39.54 10.16 2.02
CA SER D 6 40.15 11.27 1.29
C SER D 6 39.63 11.29 -0.13
N TRP D 7 39.36 12.49 -0.64
CA TRP D 7 38.91 12.67 -2.02
C TRP D 7 40.11 12.71 -2.96
N VAL D 8 40.11 11.81 -3.95
CA VAL D 8 41.19 11.71 -4.92
C VAL D 8 40.82 12.53 -6.15
N GLY D 9 41.63 13.54 -6.46
CA GLY D 9 41.36 14.40 -7.58
C GLY D 9 40.31 15.46 -7.26
N ASP D 10 40.32 16.52 -8.06
CA ASP D 10 39.44 17.66 -7.85
C ASP D 10 37.99 17.31 -8.18
N ALA D 11 37.08 18.14 -7.70
CA ALA D 11 35.65 17.91 -7.88
C ALA D 11 35.25 18.04 -9.35
N VAL D 12 34.39 17.12 -9.78
CA VAL D 12 34.01 17.06 -11.20
C VAL D 12 32.91 18.09 -11.49
N LYS D 13 31.84 18.05 -10.72
CA LYS D 13 30.77 19.04 -10.80
C LYS D 13 30.30 19.38 -9.39
N THR D 14 29.79 20.59 -9.23
CA THR D 14 29.27 21.07 -7.96
C THR D 14 27.87 21.59 -8.18
N ASP D 15 26.89 21.05 -7.45
CA ASP D 15 25.50 21.41 -7.69
C ASP D 15 25.03 22.59 -6.87
N GLY D 16 25.77 22.99 -5.83
CA GLY D 16 25.40 24.14 -5.05
C GLY D 16 25.37 23.84 -3.57
N LYS D 17 24.93 22.64 -3.23
CA LYS D 17 24.98 22.14 -1.87
C LYS D 17 25.93 20.98 -1.68
N LYS D 18 26.23 20.23 -2.73
CA LYS D 18 27.09 19.06 -2.67
C LYS D 18 28.17 19.15 -3.74
N SER D 19 29.30 18.47 -3.49
CA SER D 19 30.46 18.51 -4.37
C SER D 19 30.79 17.10 -4.86
N TYR D 20 30.56 16.84 -6.14
CA TYR D 20 30.75 15.50 -6.69
C TYR D 20 32.21 15.24 -7.01
N TYR D 21 32.67 14.04 -6.67
CA TYR D 21 34.01 13.58 -6.99
C TYR D 21 33.92 12.31 -7.83
N LYS D 22 35.06 11.90 -8.37
CA LYS D 22 35.12 10.67 -9.14
C LYS D 22 35.82 9.54 -8.41
N LYS D 23 36.79 9.83 -7.54
CA LYS D 23 37.53 8.81 -6.81
C LYS D 23 37.68 9.18 -5.34
N VAL D 24 37.78 8.15 -4.49
CA VAL D 24 37.99 8.28 -3.06
C VAL D 24 39.09 7.31 -2.62
N CYS D 25 39.81 7.71 -1.59
CA CYS D 25 40.77 6.83 -0.93
C CYS D 25 40.25 6.53 0.47
N ILE D 26 39.67 5.35 0.64
CA ILE D 26 39.25 4.83 1.93
C ILE D 26 40.36 3.93 2.46
N ASP D 27 41.13 4.44 3.42
CA ASP D 27 42.28 3.77 4.04
C ASP D 27 43.33 3.57 2.94
N SER D 28 43.84 2.36 2.74
CA SER D 28 44.79 2.07 1.67
C SER D 28 44.12 1.48 0.45
N GLU D 29 42.78 1.58 0.36
CA GLU D 29 42.01 1.13 -0.78
C GLU D 29 41.39 2.33 -1.47
N THR D 30 41.46 2.36 -2.80
CA THR D 30 40.92 3.46 -3.60
C THR D 30 39.72 3.00 -4.39
N LEU D 31 38.70 3.86 -4.46
CA LEU D 31 37.39 3.53 -4.99
C LEU D 31 36.97 4.58 -6.03
N GLU D 32 36.25 4.14 -7.06
CA GLU D 32 35.76 5.07 -8.06
C GLU D 32 34.36 4.70 -8.52
N VAL D 33 33.72 5.66 -9.18
CA VAL D 33 32.33 5.49 -9.61
C VAL D 33 32.26 4.35 -10.61
N GLY D 34 31.40 3.38 -10.33
CA GLY D 34 31.33 2.14 -11.07
C GLY D 34 31.79 0.94 -10.29
N ASP D 35 32.74 1.12 -9.37
CA ASP D 35 33.20 0.05 -8.50
C ASP D 35 32.03 -0.49 -7.66
N CYS D 36 32.28 -1.60 -6.97
CA CYS D 36 31.26 -2.33 -6.22
C CYS D 36 31.71 -2.56 -4.79
N VAL D 37 30.75 -2.64 -3.89
CA VAL D 37 30.98 -2.43 -2.46
C VAL D 37 30.06 -3.33 -1.66
N SER D 38 30.55 -3.81 -0.52
CA SER D 38 29.73 -4.52 0.45
C SER D 38 29.40 -3.60 1.61
N VAL D 39 28.18 -3.74 2.14
CA VAL D 39 27.71 -2.98 3.29
C VAL D 39 27.02 -3.94 4.27
N ILE D 40 27.33 -3.79 5.55
CA ILE D 40 26.73 -4.65 6.58
C ILE D 40 25.31 -4.16 6.87
N PRO D 41 24.29 -5.02 6.78
CA PRO D 41 22.94 -4.57 7.14
C PRO D 41 22.85 -4.29 8.63
N ASP D 42 21.78 -3.57 9.01
CA ASP D 42 21.51 -3.35 10.43
C ASP D 42 21.48 -4.68 11.17
N ASP D 43 20.59 -5.57 10.75
CA ASP D 43 20.61 -6.96 11.18
C ASP D 43 21.90 -7.63 10.68
N SER D 44 22.96 -7.58 11.48
CA SER D 44 24.24 -8.17 11.07
C SER D 44 24.12 -9.69 10.97
N SER D 45 22.96 -10.24 11.32
CA SER D 45 22.70 -11.64 11.04
C SER D 45 22.62 -11.89 9.54
N LYS D 46 22.18 -10.89 8.76
CA LYS D 46 21.90 -11.11 7.35
C LYS D 46 23.20 -11.16 6.53
N PRO D 47 23.19 -11.89 5.41
CA PRO D 47 24.33 -11.82 4.49
C PRO D 47 24.58 -10.38 4.06
N LEU D 48 25.81 -10.10 3.65
CA LEU D 48 26.22 -8.75 3.30
C LEU D 48 25.36 -8.19 2.18
N TYR D 49 25.13 -6.88 2.24
CA TYR D 49 24.55 -6.16 1.11
C TYR D 49 25.63 -5.78 0.10
N LEU D 50 25.27 -5.79 -1.18
CA LEU D 50 26.22 -5.49 -2.25
C LEU D 50 25.62 -4.45 -3.19
N ALA D 51 26.39 -3.41 -3.49
CA ALA D 51 25.91 -2.33 -4.35
C ALA D 51 27.03 -1.86 -5.27
N ARG D 52 26.62 -1.13 -6.30
CA ARG D 52 27.54 -0.42 -7.17
C ARG D 52 27.49 1.07 -6.82
N VAL D 53 28.65 1.71 -6.83
CA VAL D 53 28.79 3.12 -6.49
C VAL D 53 28.51 3.93 -7.75
N THR D 54 27.39 4.64 -7.76
CA THR D 54 27.06 5.45 -8.92
C THR D 54 27.43 6.91 -8.77
N ALA D 55 27.59 7.42 -7.55
CA ALA D 55 27.94 8.82 -7.32
C ALA D 55 28.75 8.95 -6.04
N LEU D 56 29.68 9.91 -6.05
CA LEU D 56 30.50 10.24 -4.89
C LEU D 56 30.42 11.74 -4.67
N TRP D 57 30.14 12.15 -3.43
CA TRP D 57 30.01 13.57 -3.14
C TRP D 57 30.10 13.83 -1.64
N GLU D 58 30.52 15.05 -1.31
CA GLU D 58 30.43 15.61 0.04
C GLU D 58 29.48 16.79 -0.01
N ASP D 59 28.43 16.75 0.80
CA ASP D 59 27.48 17.85 0.87
C ASP D 59 27.78 18.73 2.07
N SER D 60 27.31 19.98 2.00
CA SER D 60 27.62 20.98 3.01
C SER D 60 27.29 20.50 4.41
N SER D 61 26.16 19.77 4.55
CA SER D 61 25.59 19.47 5.85
C SER D 61 25.92 18.07 6.36
N ASN D 62 25.95 17.06 5.50
CA ASN D 62 25.91 15.67 5.93
C ASN D 62 27.23 14.92 5.76
N GLY D 63 28.20 15.45 5.01
CA GLY D 63 29.50 14.81 4.95
C GLY D 63 29.77 14.01 3.69
N GLN D 64 30.59 12.96 3.81
CA GLN D 64 31.15 12.25 2.65
C GLN D 64 30.24 11.09 2.26
N MET D 65 29.48 11.28 1.19
CA MET D 65 28.37 10.40 0.86
C MET D 65 28.64 9.67 -0.46
N PHE D 66 27.74 8.74 -0.77
CA PHE D 66 27.77 8.05 -2.04
C PHE D 66 26.43 7.38 -2.29
N HIS D 67 26.09 7.26 -3.56
CA HIS D 67 24.82 6.66 -3.99
C HIS D 67 25.03 5.19 -4.29
N ALA D 68 24.26 4.33 -3.63
CA ALA D 68 24.38 2.88 -3.78
C ALA D 68 23.23 2.37 -4.63
N HIS D 69 23.56 1.68 -5.71
CA HIS D 69 22.59 0.96 -6.54
C HIS D 69 22.70 -0.51 -6.15
N TRP D 70 21.66 -1.03 -5.49
CA TRP D 70 21.72 -2.31 -4.83
C TRP D 70 21.65 -3.48 -5.79
N PHE D 71 22.40 -4.54 -5.48
CA PHE D 71 22.10 -5.88 -5.98
C PHE D 71 21.26 -6.60 -4.93
N CYS D 72 20.75 -7.77 -5.29
CA CYS D 72 20.02 -8.56 -4.31
C CYS D 72 20.22 -10.04 -4.59
N ALA D 73 20.21 -10.84 -3.53
CA ALA D 73 20.44 -12.28 -3.65
C ALA D 73 19.12 -12.98 -4.00
N GLY D 74 19.22 -14.29 -4.24
CA GLY D 74 18.02 -15.06 -4.47
C GLY D 74 17.02 -14.99 -3.33
N THR D 75 17.50 -14.77 -2.11
CA THR D 75 16.57 -14.66 -0.99
C THR D 75 15.68 -13.43 -1.10
N ASP D 76 16.04 -12.47 -1.93
CA ASP D 76 15.29 -11.22 -2.04
C ASP D 76 14.21 -11.28 -3.12
N THR D 77 14.06 -12.44 -3.76
CA THR D 77 13.16 -12.64 -4.88
C THR D 77 12.24 -13.83 -4.61
N VAL D 78 11.32 -14.06 -5.54
CA VAL D 78 10.47 -15.24 -5.44
C VAL D 78 11.26 -16.54 -5.59
N LEU D 79 12.45 -16.48 -6.19
CA LEU D 79 13.19 -17.69 -6.49
C LEU D 79 13.70 -18.38 -5.23
N GLY D 80 13.93 -17.62 -4.16
CA GLY D 80 14.55 -18.16 -2.98
C GLY D 80 16.05 -18.23 -3.16
N ALA D 81 16.71 -18.89 -2.19
CA ALA D 81 18.16 -18.99 -2.20
C ALA D 81 18.65 -19.58 -3.53
N THR D 82 19.75 -19.04 -4.03
CA THR D 82 20.28 -19.52 -5.29
C THR D 82 21.31 -20.62 -5.05
N SER D 83 21.54 -21.42 -6.10
CA SER D 83 22.50 -22.51 -6.03
C SER D 83 23.90 -21.99 -5.72
N ASP D 84 24.31 -20.94 -6.44
CA ASP D 84 25.61 -20.33 -6.26
C ASP D 84 25.48 -19.20 -5.24
N PRO D 85 26.05 -19.33 -4.04
CA PRO D 85 25.99 -18.21 -3.08
C PRO D 85 26.64 -16.93 -3.57
N LEU D 86 27.29 -16.94 -4.74
CA LEU D 86 27.87 -15.75 -5.34
C LEU D 86 27.03 -15.17 -6.47
N GLU D 87 25.86 -15.75 -6.77
CA GLU D 87 24.99 -15.19 -7.80
C GLU D 87 24.16 -14.05 -7.21
N LEU D 88 24.14 -12.92 -7.91
CA LEU D 88 23.27 -11.80 -7.59
C LEU D 88 22.40 -11.42 -8.79
N PHE D 89 21.44 -10.56 -8.52
CA PHE D 89 20.50 -10.08 -9.52
C PHE D 89 20.49 -8.56 -9.50
N LEU D 90 20.40 -7.96 -10.69
CA LEU D 90 20.19 -6.53 -10.76
C LEU D 90 18.77 -6.19 -10.31
N VAL D 91 18.63 -5.09 -9.58
CA VAL D 91 17.32 -4.66 -9.11
C VAL D 91 17.38 -3.15 -8.95
N ASP D 92 16.24 -2.50 -9.14
CA ASP D 92 16.20 -1.05 -9.12
C ASP D 92 15.92 -0.64 -7.67
N GLU D 93 16.99 -0.50 -6.89
CA GLU D 93 16.88 -0.12 -5.50
C GLU D 93 18.10 0.73 -5.14
N CYS D 94 17.88 2.01 -4.85
CA CYS D 94 18.95 2.96 -4.58
C CYS D 94 18.96 3.37 -3.10
N GLU D 95 19.87 4.29 -2.80
CA GLU D 95 20.04 4.85 -1.46
C GLU D 95 21.19 5.84 -1.46
N ASP D 96 21.04 6.96 -0.78
CA ASP D 96 22.21 7.76 -0.43
C ASP D 96 22.74 7.23 0.89
N MET D 97 24.05 7.27 1.05
CA MET D 97 24.64 6.63 2.22
C MET D 97 26.00 7.25 2.48
N GLN D 98 26.35 7.34 3.77
CA GLN D 98 27.65 7.84 4.15
C GLN D 98 28.73 6.81 3.86
N LEU D 99 29.89 7.30 3.38
CA LEU D 99 30.95 6.39 2.97
C LEU D 99 31.45 5.54 4.11
N SER D 100 31.34 6.02 5.36
CA SER D 100 31.83 5.26 6.51
C SER D 100 31.23 3.87 6.57
N TYR D 101 30.02 3.68 6.03
CA TYR D 101 29.25 2.44 6.14
C TYR D 101 29.71 1.36 5.15
N ILE D 102 30.71 1.64 4.32
CA ILE D 102 31.24 0.67 3.37
C ILE D 102 32.14 -0.32 4.10
N HIS D 103 31.81 -1.61 4.01
CA HIS D 103 32.60 -2.63 4.70
C HIS D 103 33.84 -3.02 3.91
N SER D 104 33.64 -3.36 2.63
CA SER D 104 34.70 -3.91 1.79
C SER D 104 34.47 -3.44 0.35
N LYS D 105 35.54 -3.42 -0.43
CA LYS D 105 35.43 -3.27 -1.86
C LYS D 105 35.34 -4.65 -2.49
N VAL D 106 34.38 -4.85 -3.37
CA VAL D 106 34.14 -6.18 -3.91
C VAL D 106 34.16 -6.16 -5.44
N GLN D 107 34.27 -7.34 -6.01
CA GLN D 107 34.27 -7.55 -7.45
C GLN D 107 32.95 -8.19 -7.86
N VAL D 108 32.23 -7.56 -8.78
CA VAL D 108 30.92 -8.05 -9.22
C VAL D 108 30.84 -7.95 -10.73
N ILE D 109 31.05 -9.06 -11.44
CA ILE D 109 31.09 -9.04 -12.89
C ILE D 109 29.76 -9.50 -13.46
N TYR D 110 29.52 -9.15 -14.71
CA TYR D 110 28.42 -9.68 -15.49
C TYR D 110 28.86 -10.95 -16.20
N LYS D 111 28.05 -12.00 -16.12
CA LYS D 111 28.31 -13.25 -16.82
C LYS D 111 27.32 -13.34 -17.98
N ALA D 112 27.83 -13.43 -19.17
CA ALA D 112 27.00 -13.29 -20.36
C ALA D 112 26.47 -14.64 -20.81
N PRO D 113 25.36 -14.67 -21.54
CA PRO D 113 24.78 -15.95 -21.93
C PRO D 113 25.78 -16.83 -22.68
N SER D 114 25.78 -18.12 -22.34
CA SER D 114 26.67 -19.07 -22.97
C SER D 114 25.88 -20.25 -23.51
N GLY D 115 26.55 -21.01 -24.40
CA GLY D 115 26.03 -22.26 -24.88
C GLY D 115 26.35 -23.38 -23.93
N ALA D 116 25.90 -24.57 -24.29
CA ALA D 116 26.08 -25.72 -23.40
C ALA D 116 27.56 -26.06 -23.23
N GLY D 117 28.33 -26.08 -24.32
CA GLY D 117 29.74 -26.42 -24.25
C GLY D 117 29.99 -27.91 -24.16
N SER D 118 30.99 -28.39 -24.90
CA SER D 118 31.27 -29.82 -25.05
C SER D 118 31.79 -30.40 -23.73
N ALA D 119 30.87 -30.62 -22.80
CA ALA D 119 31.23 -31.13 -21.48
C ALA D 119 31.47 -32.63 -21.52
N THR D 120 32.49 -33.07 -20.80
CA THR D 120 33.15 -34.35 -20.95
C THR D 120 33.10 -35.12 -19.62
N TYR D 121 33.17 -36.44 -19.69
CA TYR D 121 33.42 -37.22 -18.49
C TYR D 121 34.79 -36.88 -17.93
N PHE D 122 34.91 -36.89 -16.60
CA PHE D 122 36.21 -36.64 -16.00
C PHE D 122 36.39 -37.49 -14.76
N TYR D 123 37.65 -37.71 -14.40
CA TYR D 123 38.01 -38.43 -13.19
C TYR D 123 39.13 -37.68 -12.49
N GLN D 124 39.18 -37.78 -11.16
CA GLN D 124 40.22 -37.14 -10.36
C GLN D 124 40.91 -38.16 -9.45
N LEU D 125 40.16 -39.15 -8.95
CA LEU D 125 40.69 -40.04 -7.93
C LEU D 125 40.49 -41.50 -8.34
N TRP D 126 41.36 -42.33 -7.75
CA TRP D 126 41.24 -43.77 -7.82
C TRP D 126 40.50 -44.30 -6.59
N TYR D 127 39.70 -45.34 -6.80
CA TYR D 127 38.91 -45.92 -5.72
C TYR D 127 39.41 -47.32 -5.43
N ASP D 128 39.80 -47.55 -4.16
CA ASP D 128 40.26 -48.86 -3.70
C ASP D 128 39.05 -49.63 -3.22
N GLN D 129 38.46 -50.41 -4.12
CA GLN D 129 37.22 -51.09 -3.80
C GLN D 129 37.39 -52.13 -2.71
N ASP D 130 38.62 -52.59 -2.47
CA ASP D 130 38.85 -53.50 -1.34
C ASP D 130 38.66 -52.76 -0.01
N TYR D 131 39.36 -51.65 0.18
CA TYR D 131 39.40 -50.95 1.46
C TYR D 131 38.45 -49.76 1.53
N ALA D 132 37.65 -49.52 0.49
CA ALA D 132 36.66 -48.45 0.46
C ALA D 132 37.29 -47.09 0.78
N ARG D 133 38.34 -46.76 0.05
CA ARG D 133 39.02 -45.49 0.23
C ARG D 133 39.43 -44.90 -1.13
N PHE D 134 39.49 -43.57 -1.19
CA PHE D 134 39.86 -42.83 -2.38
C PHE D 134 41.30 -42.34 -2.27
N GLU D 135 42.08 -42.57 -3.33
CA GLU D 135 43.48 -42.16 -3.36
C GLU D 135 43.76 -41.35 -4.61
N SER D 136 44.93 -40.72 -4.61
CA SER D 136 45.46 -40.09 -5.81
C SER D 136 45.81 -41.17 -6.83
N PRO D 137 45.52 -40.94 -8.12
CA PRO D 137 45.65 -42.03 -9.13
C PRO D 137 47.02 -42.68 -9.06
N PRO D 138 47.09 -44.01 -8.96
CA PRO D 138 48.40 -44.67 -8.86
C PRO D 138 49.19 -44.51 -10.14
N LYS D 139 50.52 -44.60 -10.00
CA LYS D 139 51.45 -44.32 -11.08
C LYS D 139 52.15 -45.63 -11.43
N THR D 140 51.46 -46.47 -12.20
CA THR D 140 52.00 -47.75 -12.64
C THR D 140 52.42 -47.66 -14.10
N GLN D 141 53.68 -47.97 -14.37
CA GLN D 141 54.31 -47.69 -15.64
C GLN D 141 54.27 -48.91 -16.55
N PRO D 142 54.12 -48.68 -17.85
CA PRO D 142 54.19 -49.78 -18.81
C PRO D 142 55.62 -50.02 -19.25
N THR D 143 55.84 -51.24 -19.70
CA THR D 143 57.08 -51.66 -20.33
C THR D 143 57.07 -51.23 -21.79
N GLU D 144 58.25 -51.29 -22.43
CA GLU D 144 58.22 -51.32 -23.88
C GLU D 144 57.84 -52.70 -24.41
N ASP D 145 57.80 -53.69 -23.52
CA ASP D 145 57.34 -55.03 -23.88
C ASP D 145 55.83 -55.07 -24.06
N ASN D 146 55.08 -54.47 -23.13
CA ASN D 146 53.63 -54.60 -23.11
C ASN D 146 52.90 -53.28 -23.39
N LYS D 147 53.56 -52.29 -23.98
CA LYS D 147 52.89 -51.00 -24.16
C LYS D 147 51.65 -51.14 -25.05
N TYR D 148 51.66 -52.10 -25.99
CA TYR D 148 50.59 -52.22 -26.98
C TYR D 148 49.28 -52.71 -26.37
N LYS D 149 49.32 -53.39 -25.22
CA LYS D 149 48.11 -53.90 -24.59
C LYS D 149 48.04 -53.60 -23.10
N PHE D 150 48.78 -52.59 -22.64
CA PHE D 150 49.01 -52.42 -21.21
C PHE D 150 47.73 -52.06 -20.49
N CYS D 151 47.49 -52.73 -19.36
CA CYS D 151 46.36 -52.46 -18.48
C CYS D 151 46.84 -52.18 -17.06
N ALA D 152 46.66 -50.94 -16.59
CA ALA D 152 47.18 -50.58 -15.28
C ALA D 152 46.60 -51.45 -14.17
N SER D 153 45.37 -51.96 -14.35
CA SER D 153 44.76 -52.73 -13.27
C SER D 153 45.24 -54.17 -13.29
N CYS D 154 45.28 -54.80 -14.47
CA CYS D 154 45.98 -56.08 -14.62
C CYS D 154 47.40 -55.99 -14.12
N ALA D 155 48.05 -54.85 -14.37
CA ALA D 155 49.41 -54.67 -13.91
C ALA D 155 49.49 -54.70 -12.38
N ARG D 156 48.50 -54.10 -11.70
CA ARG D 156 48.50 -54.04 -10.25
C ARG D 156 47.88 -55.26 -9.59
N LEU D 157 46.85 -55.85 -10.21
CA LEU D 157 46.16 -56.97 -9.61
C LEU D 157 46.94 -58.27 -9.75
N ALA D 158 48.02 -58.25 -10.53
CA ALA D 158 48.81 -59.44 -10.83
C ALA D 158 49.60 -59.94 -9.61
N HIS E 5 -22.60 -6.56 18.07
CA HIS E 5 -24.05 -6.44 18.01
C HIS E 5 -24.53 -6.12 16.60
N ARG E 6 -25.49 -6.89 16.10
CA ARG E 6 -25.98 -6.69 14.73
C ARG E 6 -27.39 -6.12 14.72
N MLY E 7 -27.73 -5.46 13.61
CA MLY E 7 -28.93 -4.64 13.50
CB MLY E 7 -28.50 -3.17 13.40
CG MLY E 7 -29.56 -2.13 13.10
CD MLY E 7 -28.96 -0.75 13.32
CE MLY E 7 -29.99 0.39 13.24
NZ MLY E 7 -29.65 1.61 14.05
CH1 MLY E 7 -28.20 1.67 14.27
CH2 MLY E 7 -29.98 2.82 13.29
C MLY E 7 -29.79 -5.07 12.31
O MLY E 7 -31.01 -5.10 12.38
N VAL E 8 -29.17 -5.87 11.45
CA VAL E 8 -29.80 -6.44 10.27
C VAL E 8 -29.54 -7.93 10.26
N LEU E 9 -30.56 -8.75 10.51
CA LEU E 9 -30.34 -10.17 10.64
C LEU E 9 -31.11 -11.00 9.61
N ARG E 10 -31.78 -10.37 8.66
CA ARG E 10 -32.44 -11.16 7.63
C ARG E 10 -31.38 -11.81 6.73
N ASP E 11 -31.82 -12.77 5.95
CA ASP E 11 -30.98 -13.39 4.95
C ASP E 11 -31.76 -13.47 3.65
N ASN E 12 -31.07 -13.21 2.54
CA ASN E 12 -31.65 -13.29 1.20
C ASN E 12 -30.49 -13.36 0.20
N LYS F 3 -8.71 -3.47 25.22
CA LYS F 3 -7.75 -4.46 24.76
C LYS F 3 -8.39 -5.46 23.81
N ARG F 4 -7.72 -6.59 23.61
CA ARG F 4 -8.35 -7.80 23.12
C ARG F 4 -8.62 -8.69 24.32
N HIS F 5 -8.95 -9.95 24.09
CA HIS F 5 -9.22 -10.87 25.18
C HIS F 5 -8.05 -11.81 25.38
N ARG F 6 -7.45 -11.74 26.56
CA ARG F 6 -6.29 -12.53 26.90
C ARG F 6 -6.72 -13.88 27.46
N MLY F 7 -5.95 -14.93 27.14
CA MLY F 7 -6.13 -16.24 27.76
CB MLY F 7 -5.47 -17.33 26.94
CG MLY F 7 -6.22 -17.76 25.71
CD MLY F 7 -5.37 -18.69 24.85
CE MLY F 7 -6.20 -19.79 24.20
NZ MLY F 7 -5.37 -20.62 23.28
CH1 MLY F 7 -4.12 -20.94 24.00
CH2 MLY F 7 -6.05 -21.91 23.15
C MLY F 7 -5.52 -16.24 29.14
O MLY F 7 -5.65 -17.26 29.84
N VAL F 8 -4.41 -15.52 29.28
CA VAL F 8 -3.67 -15.42 30.55
C VAL F 8 -4.08 -14.16 31.28
N LEU F 9 -4.66 -14.33 32.46
CA LEU F 9 -5.10 -13.19 33.26
C LEU F 9 -4.31 -13.04 34.56
N ARG F 10 -3.31 -13.88 34.79
CA ARG F 10 -2.55 -13.85 36.02
C ARG F 10 -1.81 -12.53 36.20
N ASP F 11 -1.80 -12.05 37.44
CA ASP F 11 -0.88 -10.98 37.86
C ASP F 11 0.52 -11.53 38.08
N ASN F 12 0.62 -12.71 38.70
CA ASN F 12 1.88 -13.39 39.00
C ASN F 12 2.94 -12.45 39.59
N ARG G 4 2.10 2.92 -6.85
CA ARG G 4 1.84 4.16 -6.11
C ARG G 4 0.35 4.49 -6.12
N HIS G 5 0.00 5.64 -5.53
CA HIS G 5 -1.40 6.08 -5.48
C HIS G 5 -1.91 6.39 -6.88
N ARG G 6 -3.04 5.81 -7.22
CA ARG G 6 -3.74 6.16 -8.42
C ARG G 6 -5.05 6.83 -8.02
N MLY G 7 -5.46 7.84 -8.78
CA MLY G 7 -6.69 8.55 -8.51
CB MLY G 7 -6.54 10.02 -8.90
CG MLY G 7 -7.06 10.98 -7.89
CD MLY G 7 -6.37 12.29 -8.02
CE MLY G 7 -7.38 13.38 -8.16
NZ MLY G 7 -7.31 14.28 -6.99
CH1 MLY G 7 -6.19 15.21 -7.26
CH2 MLY G 7 -8.53 15.09 -6.98
C MLY G 7 -7.83 7.91 -9.28
O MLY G 7 -9.00 8.16 -9.00
N VAL G 8 -7.53 7.49 -10.50
CA VAL G 8 -8.51 6.86 -11.38
C VAL G 8 -8.22 5.38 -11.49
N LEU G 9 -9.17 4.53 -11.08
CA LEU G 9 -8.87 3.13 -11.03
C LEU G 9 -9.70 2.25 -11.95
N ARG G 10 -10.56 2.83 -12.79
CA ARG G 10 -11.36 2.02 -13.70
C ARG G 10 -10.49 1.41 -14.80
N ASP G 11 -10.70 0.12 -15.08
CA ASP G 11 -10.06 -0.53 -16.21
C ASP G 11 -10.72 -0.21 -17.53
N ASN G 12 -11.94 0.34 -17.49
CA ASN G 12 -12.77 0.60 -18.66
C ASN G 12 -12.11 1.54 -19.66
N ARG H 4 10.88 6.27 -0.92
CA ARG H 4 11.55 6.10 0.37
C ARG H 4 12.09 4.68 0.53
N HIS H 5 11.77 4.07 1.67
CA HIS H 5 12.17 2.69 1.99
C HIS H 5 13.68 2.49 1.77
N ARG H 6 14.44 3.09 2.68
CA ARG H 6 15.88 2.91 2.71
C ARG H 6 16.22 1.62 3.44
N MLY H 7 17.27 0.95 2.99
CA MLY H 7 17.60 -0.40 3.45
CB MLY H 7 18.28 -1.18 2.31
CG MLY H 7 17.98 -2.67 2.23
CD MLY H 7 18.07 -3.20 0.78
CE MLY H 7 18.83 -4.51 0.70
NZ MLY H 7 18.44 -5.40 -0.43
CH1 MLY H 7 18.72 -4.71 -1.70
CH2 MLY H 7 19.37 -6.54 -0.40
C MLY H 7 18.51 -0.39 4.68
O MLY H 7 18.56 -1.36 5.43
N VAL H 8 19.23 0.69 4.88
CA VAL H 8 20.10 0.80 6.05
C VAL H 8 19.74 2.05 6.82
N LEU H 9 19.43 1.90 8.12
CA LEU H 9 19.09 3.06 8.93
C LEU H 9 19.84 3.04 10.25
N ARG H 10 21.04 2.46 10.26
CA ARG H 10 21.94 2.66 11.38
C ARG H 10 22.25 4.15 11.53
N ASP H 11 22.63 4.54 12.74
CA ASP H 11 22.75 5.95 13.09
C ASP H 11 24.21 6.31 13.33
N ASN H 12 24.80 7.03 12.38
CA ASN H 12 26.14 7.56 12.54
C ASN H 12 26.30 8.80 11.66
ZN ZN I . -16.96 -0.61 13.05
ZN ZN J . -0.84 -10.88 17.17
ZN ZN K . 4.33 12.83 -12.10
ZN ZN L . 19.62 5.30 -7.49
#